data_4ODW
#
_entry.id   4ODW
#
_cell.length_a   42.129
_cell.length_b   69.235
_cell.length_c   69.066
_cell.angle_alpha   70.990
_cell.angle_beta   72.390
_cell.angle_gamma   88.290
#
_symmetry.space_group_name_H-M   'P 1'
#
loop_
_entity.id
_entity.type
_entity.pdbx_description
1 polymer 'A6 Fab (IgG2b kappa) light chain'
2 polymer 'A6 Fab (IgG2b) heavy chain'
3 non-polymer 2-AMINO-2-HYDROXYMETHYL-PROPANE-1,3-DIOL
4 water water
#
loop_
_entity_poly.entity_id
_entity_poly.type
_entity_poly.pdbx_seq_one_letter_code
_entity_poly.pdbx_strand_id
1 'polypeptide(L)'
;DIVLTQSTSSLSASLGDRVTITCRASQDIRNYLSWYQQRPDGTVKLLIYYTSKLHSGVPSRFSGSGSGTDYSLTITNLEQ
EDIATYFCQQGKTLPLYTFGGGTKLEIKRADAAPTVSIFPPSSEQLTSGGASVVCFLNNFYPKDINVKWKIDGSERQNGV
LNSWTDQDSKDSTYSMSSTLTLTKDEYERHNSYTCEATHKTSTSPIVKSFNRNEC
;
L,B
2 'polypeptide(L)'
;EVKLVESGGGLVKLGGSLKLSCAASGFTFSSYYMSWVRQTPEKRLELVAAINSNGGNTYYPDTVKGLFTISRDNAKNTLY
LQMSRLKSEDTALYYCTRLYGNYVRIHTMDYWGQGTSVTVSSAKTTPPSVYPLAPGCGDTTGSSVTLGCLVKGYFPESVT
VTWNSGSLSSSVHTFPALLQSGLYTMSSSVTVPSSTWPSETVTCSVAHPASSTTVDKKLEPS
;
H,A
#
# COMPACT_ATOMS: atom_id res chain seq x y z
N ASP A 1 -1.92 -16.84 27.69
CA ASP A 1 -1.11 -18.02 28.11
C ASP A 1 0.28 -17.54 28.55
N ILE A 2 1.19 -17.41 27.60
CA ILE A 2 2.51 -16.83 27.85
C ILE A 2 2.37 -15.38 28.33
N VAL A 3 2.67 -15.12 29.60
CA VAL A 3 2.51 -13.76 30.15
C VAL A 3 3.75 -12.91 29.88
N LEU A 4 3.55 -11.60 29.83
CA LEU A 4 4.63 -10.63 29.61
C LEU A 4 4.51 -9.50 30.60
N THR A 5 5.51 -9.35 31.46
CA THR A 5 5.52 -8.29 32.45
C THR A 5 6.58 -7.24 32.15
N GLN A 6 6.14 -5.99 32.03
CA GLN A 6 7.05 -4.87 32.05
C GLN A 6 7.15 -4.30 33.49
N SER A 7 8.30 -4.51 34.14
CA SER A 7 8.47 -4.08 35.54
C SER A 7 7.68 -2.81 35.82
N THR A 8 7.86 -1.81 34.96
CA THR A 8 7.47 -0.47 35.30
C THR A 8 6.45 0.11 34.36
N SER A 9 5.54 0.88 34.94
CA SER A 9 4.42 1.45 34.25
C SER A 9 4.80 2.80 33.62
N SER A 10 5.57 3.58 34.36
CA SER A 10 6.08 4.83 33.84
C SER A 10 7.50 5.06 34.34
N LEU A 11 8.31 5.68 33.50
CA LEU A 11 9.59 6.20 33.95
C LEU A 11 9.97 7.55 33.35
N SER A 12 10.78 8.26 34.13
CA SER A 12 11.10 9.64 33.85
C SER A 12 12.55 9.71 33.45
N ALA A 13 12.80 10.35 32.32
CA ALA A 13 14.16 10.53 31.84
C ALA A 13 14.35 11.94 31.33
N SER A 14 15.50 12.25 30.79
CA SER A 14 15.80 13.60 30.38
C SER A 14 16.40 13.66 28.97
N LEU A 15 16.20 14.79 28.29
CA LEU A 15 16.67 14.93 26.91
C LEU A 15 18.16 14.61 26.79
N GLY A 16 18.50 13.87 25.75
CA GLY A 16 19.89 13.54 25.44
C GLY A 16 20.52 12.44 26.28
N ASP A 17 19.73 11.80 27.14
CA ASP A 17 20.26 10.70 27.96
C ASP A 17 19.64 9.33 27.56
N ARG A 18 19.97 8.31 28.34
CA ARG A 18 19.75 6.92 27.98
C ARG A 18 18.66 6.29 28.84
N VAL A 19 17.76 5.58 28.18
CA VAL A 19 16.63 4.94 28.85
C VAL A 19 16.59 3.46 28.53
N THR A 20 16.29 2.65 29.54
CA THR A 20 16.13 1.23 29.35
C THR A 20 14.80 0.74 29.86
N ILE A 21 14.13 -0.06 29.04
CA ILE A 21 12.90 -0.70 29.43
C ILE A 21 13.12 -2.18 29.37
N THR A 22 12.58 -2.89 30.35
CA THR A 22 12.76 -4.34 30.44
C THR A 22 11.44 -5.07 30.36
N CYS A 23 11.46 -6.20 29.69
CA CYS A 23 10.29 -7.05 29.54
C CYS A 23 10.70 -8.40 30.11
N ARG A 24 9.89 -8.99 30.97
CA ARG A 24 10.16 -10.37 31.40
C ARG A 24 9.06 -11.30 30.95
N ALA A 25 9.44 -12.30 30.18
CA ALA A 25 8.53 -13.34 29.74
C ALA A 25 8.22 -14.25 30.91
N SER A 26 7.21 -15.10 30.75
CA SER A 26 6.96 -16.19 31.70
C SER A 26 7.48 -17.54 31.17
N GLN A 27 8.01 -17.53 29.96
CA GLN A 27 8.67 -18.71 29.41
C GLN A 27 9.48 -18.29 28.19
N ASP A 28 10.38 -19.12 27.72
CA ASP A 28 11.26 -18.73 26.63
C ASP A 28 10.46 -18.47 25.37
N ILE A 29 10.87 -17.44 24.62
CA ILE A 29 10.22 -17.06 23.37
C ILE A 29 11.17 -17.03 22.18
N ARG A 30 12.35 -17.60 22.37
CA ARG A 30 13.26 -17.84 21.26
C ARG A 30 13.50 -16.60 20.43
N ASN A 31 13.60 -15.46 21.09
CA ASN A 31 14.00 -14.22 20.45
C ASN A 31 12.93 -13.54 19.62
N TYR A 32 11.71 -14.08 19.64
CA TYR A 32 10.58 -13.50 18.91
C TYR A 32 9.84 -12.50 19.76
N LEU A 33 10.48 -11.36 19.96
CA LEU A 33 9.97 -10.32 20.82
C LEU A 33 10.03 -9.06 20.01
N SER A 34 8.98 -8.27 20.09
CA SER A 34 8.98 -7.00 19.39
C SER A 34 8.64 -5.88 20.38
N TRP A 35 8.90 -4.65 19.97
CA TRP A 35 8.56 -3.45 20.73
C TRP A 35 7.86 -2.45 19.84
N TYR A 36 6.90 -1.75 20.41
CA TYR A 36 6.16 -0.76 19.67
C TYR A 36 6.15 0.50 20.47
N GLN A 37 5.97 1.58 19.75
CA GLN A 37 5.84 2.87 20.35
C GLN A 37 4.43 3.35 20.03
N GLN A 38 3.72 3.77 21.07
CA GLN A 38 2.45 4.41 20.91
C GLN A 38 2.54 5.86 21.30
N ARG A 39 2.36 6.72 20.31
CA ARG A 39 2.35 8.17 20.52
C ARG A 39 1.10 8.60 21.27
N PRO A 40 1.17 9.73 21.99
CA PRO A 40 -0.01 10.17 22.72
C PRO A 40 -1.18 10.44 21.80
N ASP A 41 -0.93 10.82 20.56
CA ASP A 41 -2.03 10.97 19.59
C ASP A 41 -2.64 9.62 19.19
N GLY A 42 -2.02 8.52 19.65
CA GLY A 42 -2.59 7.19 19.50
C GLY A 42 -1.95 6.36 18.40
N THR A 43 -1.14 6.98 17.56
CA THR A 43 -0.43 6.23 16.53
C THR A 43 0.55 5.20 17.16
N VAL A 44 0.69 4.08 16.47
CA VAL A 44 1.50 2.99 16.89
C VAL A 44 2.48 2.65 15.78
N LYS A 45 3.74 2.47 16.13
CA LYS A 45 4.74 2.13 15.15
C LYS A 45 5.56 0.97 15.68
N LEU A 46 5.88 0.03 14.81
CA LEU A 46 6.81 -1.01 15.18
C LEU A 46 8.19 -0.43 15.14
N LEU A 47 9.00 -0.80 16.14
CA LEU A 47 10.38 -0.36 16.26
C LEU A 47 11.35 -1.50 16.01
N ILE A 48 11.20 -2.55 16.79
CA ILE A 48 12.18 -3.60 16.80
C ILE A 48 11.46 -4.92 16.80
N TYR A 49 11.90 -5.83 15.94
CA TYR A 49 11.34 -7.16 15.90
C TYR A 49 12.45 -8.14 16.06
N TYR A 50 12.06 -9.36 16.37
CA TYR A 50 13.02 -10.41 16.62
C TYR A 50 14.13 -9.83 17.50
N THR A 51 13.73 -9.34 18.66
CA THR A 51 14.62 -8.86 19.73
C THR A 51 15.44 -7.60 19.48
N SER A 52 16.14 -7.56 18.36
CA SER A 52 16.99 -6.43 18.03
C SER A 52 16.82 -5.92 16.60
N LYS A 53 16.23 -6.72 15.73
CA LYS A 53 16.09 -6.28 14.35
C LYS A 53 15.31 -4.97 14.30
N LEU A 54 15.97 -3.89 13.93
CA LEU A 54 15.35 -2.57 13.81
C LEU A 54 14.58 -2.44 12.47
N HIS A 55 13.33 -2.00 12.59
CA HIS A 55 12.43 -1.76 11.46
C HIS A 55 12.89 -0.50 10.76
N SER A 56 12.87 -0.51 9.43
CA SER A 56 13.32 0.64 8.66
C SER A 56 12.36 1.80 8.87
N GLY A 57 12.89 3.01 8.76
CA GLY A 57 12.14 4.25 9.05
C GLY A 57 12.34 4.73 10.47
N VAL A 58 13.04 3.91 11.26
CA VAL A 58 13.17 4.08 12.71
C VAL A 58 14.61 4.49 13.07
N PRO A 59 14.76 5.55 13.90
CA PRO A 59 16.08 6.02 14.32
C PRO A 59 16.98 4.97 14.97
N SER A 60 18.27 5.08 14.75
CA SER A 60 19.26 4.16 15.32
C SER A 60 19.39 4.27 16.85
N ARG A 61 18.95 5.39 17.40
CA ARG A 61 18.85 5.56 18.84
C ARG A 61 18.20 4.37 19.54
N PHE A 62 17.19 3.79 18.89
CA PHE A 62 16.49 2.64 19.41
C PHE A 62 17.27 1.39 19.12
N SER A 63 17.63 0.66 20.17
CA SER A 63 18.21 -0.66 20.02
C SER A 63 17.60 -1.60 21.07
N GLY A 64 17.55 -2.87 20.72
CA GLY A 64 16.94 -3.86 21.57
C GLY A 64 17.86 -5.05 21.78
N SER A 65 17.75 -5.68 22.94
CA SER A 65 18.52 -6.85 23.24
C SER A 65 17.71 -7.76 24.12
N GLY A 66 18.19 -8.98 24.31
CA GLY A 66 17.59 -9.92 25.24
C GLY A 66 17.73 -11.32 24.69
N SER A 67 17.33 -12.30 25.48
CA SER A 67 17.10 -13.67 24.98
C SER A 67 16.37 -14.46 26.05
N GLY A 68 16.08 -15.74 25.75
CA GLY A 68 15.32 -16.59 26.66
C GLY A 68 14.01 -15.95 27.07
N THR A 69 13.93 -15.57 28.34
CA THR A 69 12.73 -14.92 28.89
C THR A 69 12.94 -13.45 29.28
N ASP A 70 14.11 -12.88 28.96
CA ASP A 70 14.39 -11.49 29.33
C ASP A 70 14.93 -10.65 28.20
N TYR A 71 14.36 -9.45 28.08
CA TYR A 71 14.54 -8.58 26.92
C TYR A 71 14.46 -7.15 27.35
N SER A 72 15.18 -6.28 26.66
CA SER A 72 15.18 -4.86 26.99
C SER A 72 15.22 -3.99 25.77
N LEU A 73 14.60 -2.83 25.89
CA LEU A 73 14.59 -1.83 24.85
C LEU A 73 15.40 -0.67 25.33
N THR A 74 16.25 -0.15 24.48
CA THR A 74 17.10 0.94 24.85
C THR A 74 16.98 2.07 23.88
N ILE A 75 16.85 3.26 24.43
CA ILE A 75 16.84 4.48 23.66
C ILE A 75 18.05 5.33 24.10
N THR A 76 18.95 5.56 23.16
CA THR A 76 20.18 6.30 23.36
C THR A 76 19.91 7.71 22.90
N ASN A 77 20.42 8.69 23.61
CA ASN A 77 20.18 10.05 23.18
C ASN A 77 18.70 10.29 22.94
N LEU A 78 17.90 10.10 23.97
CA LEU A 78 16.48 10.29 23.83
C LEU A 78 16.17 11.73 23.42
N GLU A 79 15.25 11.87 22.46
CA GLU A 79 14.83 13.16 21.96
C GLU A 79 13.31 13.22 21.95
N GLN A 80 12.76 14.38 21.62
CA GLN A 80 11.39 14.76 22.01
C GLN A 80 10.25 13.87 21.51
N GLU A 81 10.35 13.41 20.28
CA GLU A 81 9.31 12.57 19.70
C GLU A 81 9.16 11.27 20.46
N ASP A 82 10.21 10.87 21.15
CA ASP A 82 10.24 9.60 21.85
C ASP A 82 9.39 9.55 23.10
N ILE A 83 8.88 10.69 23.53
CA ILE A 83 8.08 10.76 24.74
C ILE A 83 6.74 10.08 24.43
N ALA A 84 6.55 8.88 24.96
CA ALA A 84 5.55 7.96 24.45
C ALA A 84 5.45 6.70 25.31
N THR A 85 4.63 5.76 24.86
CA THR A 85 4.42 4.52 25.59
C THR A 85 4.96 3.39 24.77
N TYR A 86 5.51 2.40 25.47
CA TYR A 86 6.28 1.34 24.87
C TYR A 86 5.78 0.01 25.34
N PHE A 87 5.38 -0.80 24.40
CA PHE A 87 4.88 -2.13 24.70
C PHE A 87 5.82 -3.13 24.09
N CYS A 88 6.05 -4.21 24.78
CA CYS A 88 6.66 -5.35 24.14
C CYS A 88 5.57 -6.34 23.74
N GLN A 89 5.83 -7.14 22.72
CA GLN A 89 4.96 -8.30 22.46
C GLN A 89 5.74 -9.46 21.91
N GLN A 90 5.41 -10.62 22.46
CA GLN A 90 5.96 -11.88 22.01
C GLN A 90 5.02 -12.41 20.96
N GLY A 91 5.59 -12.93 19.89
CA GLY A 91 4.81 -13.59 18.84
C GLY A 91 5.37 -14.95 18.57
N LYS A 92 5.46 -15.77 19.62
CA LYS A 92 6.14 -17.07 19.51
C LYS A 92 5.24 -18.00 18.71
N THR A 93 3.99 -18.12 19.14
CA THR A 93 2.97 -18.84 18.38
C THR A 93 1.70 -17.99 18.19
N LEU A 94 1.07 -18.20 17.04
CA LEU A 94 -0.15 -17.52 16.68
C LEU A 94 -1.29 -18.52 16.79
N PRO A 95 -2.41 -18.13 17.44
CA PRO A 95 -2.81 -16.80 17.89
C PRO A 95 -2.47 -16.41 19.32
N LEU A 96 -1.47 -17.01 19.96
CA LEU A 96 -1.29 -16.69 21.40
C LEU A 96 -0.34 -15.52 21.68
N TYR A 97 -0.36 -14.51 20.82
CA TYR A 97 0.45 -13.32 21.00
C TYR A 97 0.04 -12.64 22.26
N THR A 98 1.00 -12.08 22.96
CA THR A 98 0.73 -11.33 24.17
C THR A 98 1.52 -10.05 24.13
N PHE A 99 1.05 -9.10 24.89
CA PHE A 99 1.64 -7.78 25.01
C PHE A 99 1.92 -7.44 26.47
N GLY A 100 3.02 -6.74 26.72
CA GLY A 100 3.28 -6.17 28.03
C GLY A 100 2.23 -5.09 28.29
N GLY A 101 2.14 -4.67 29.54
CA GLY A 101 1.18 -3.64 29.92
C GLY A 101 1.50 -2.24 29.44
N GLY A 102 2.74 -2.00 29.00
CA GLY A 102 3.15 -0.66 28.58
C GLY A 102 4.10 -0.05 29.60
N THR A 103 5.06 0.74 29.10
CA THR A 103 5.90 1.57 29.93
C THR A 103 5.81 2.97 29.33
N LYS A 104 5.32 3.89 30.15
CA LYS A 104 5.15 5.29 29.77
C LYS A 104 6.49 6.01 30.00
N LEU A 105 6.88 6.79 29.00
CA LEU A 105 8.18 7.50 29.00
C LEU A 105 7.99 8.99 28.90
N GLU A 106 8.24 9.67 29.98
CA GLU A 106 8.10 11.13 30.01
C GLU A 106 9.36 11.80 30.44
N ILE A 107 9.42 13.08 30.13
CA ILE A 107 10.54 13.93 30.51
C ILE A 107 10.49 14.22 32.01
N LYS A 108 11.64 14.02 32.64
CA LYS A 108 11.85 14.28 34.06
C LYS A 108 11.84 15.77 34.34
N ARG A 109 11.14 16.14 35.39
CA ARG A 109 10.98 17.50 35.84
C ARG A 109 11.52 17.51 37.28
N ALA A 110 11.76 18.70 37.83
CA ALA A 110 11.92 18.83 39.27
C ALA A 110 10.65 18.29 39.94
N ASP A 111 10.80 17.77 41.14
CA ASP A 111 9.72 17.08 41.80
C ASP A 111 8.89 18.07 42.59
N ALA A 112 7.63 18.22 42.19
CA ALA A 112 6.72 19.16 42.81
C ALA A 112 5.63 18.43 43.57
N ALA A 113 5.42 18.82 44.82
CA ALA A 113 4.29 18.33 45.61
C ALA A 113 3.00 18.91 45.03
N PRO A 114 1.90 18.17 45.14
CA PRO A 114 0.65 18.69 44.65
C PRO A 114 0.02 19.75 45.58
N THR A 115 -0.59 20.76 44.97
CA THR A 115 -1.51 21.66 45.66
C THR A 115 -2.88 20.99 45.73
N VAL A 116 -3.50 21.03 46.91
CA VAL A 116 -4.59 20.11 47.22
C VAL A 116 -5.78 20.85 47.80
N SER A 117 -6.96 20.51 47.33
CA SER A 117 -8.19 21.18 47.74
C SER A 117 -9.33 20.18 47.83
N ILE A 118 -10.19 20.36 48.83
CA ILE A 118 -11.29 19.44 49.13
C ILE A 118 -12.59 20.22 49.04
N PHE A 119 -13.65 19.59 48.52
CA PHE A 119 -14.93 20.32 48.27
C PHE A 119 -16.17 19.59 48.77
N PRO A 120 -16.98 20.25 49.59
CA PRO A 120 -18.19 19.62 50.04
C PRO A 120 -19.27 19.61 48.95
N PRO A 121 -20.24 18.71 49.04
CA PRO A 121 -21.35 18.63 48.11
C PRO A 121 -22.11 19.94 47.99
N SER A 122 -22.36 20.38 46.76
CA SER A 122 -23.12 21.61 46.54
C SER A 122 -24.55 21.38 47.02
N SER A 123 -25.16 22.39 47.62
CA SER A 123 -26.54 22.25 48.11
C SER A 123 -27.46 21.74 47.00
N GLU A 124 -27.20 22.17 45.78
CA GLU A 124 -27.99 21.72 44.64
C GLU A 124 -27.97 20.22 44.47
N GLN A 125 -26.82 19.63 44.72
CA GLN A 125 -26.67 18.20 44.61
C GLN A 125 -27.34 17.50 45.80
N LEU A 126 -27.31 18.15 46.95
CA LEU A 126 -27.97 17.62 48.16
C LEU A 126 -29.48 17.43 47.98
N THR A 127 -30.12 18.20 47.09
CA THR A 127 -31.53 17.99 46.81
C THR A 127 -31.77 16.77 45.93
N SER A 128 -30.76 16.34 45.18
CA SER A 128 -30.88 15.13 44.33
C SER A 128 -31.14 13.87 45.15
N GLY A 129 -30.63 13.85 46.38
CA GLY A 129 -30.45 12.62 47.13
C GLY A 129 -29.04 12.08 46.90
N GLY A 130 -28.22 12.83 46.16
CA GLY A 130 -26.83 12.49 45.91
C GLY A 130 -25.89 13.38 46.71
N ALA A 131 -24.65 12.93 46.86
CA ALA A 131 -23.65 13.68 47.61
C ALA A 131 -22.25 13.22 47.23
N SER A 132 -21.58 14.03 46.41
CA SER A 132 -20.23 13.78 46.00
C SER A 132 -19.29 14.72 46.73
N VAL A 133 -18.22 14.18 47.24
CA VAL A 133 -17.15 14.94 47.81
C VAL A 133 -16.01 14.85 46.81
N VAL A 134 -15.38 15.98 46.52
CA VAL A 134 -14.31 16.02 45.53
C VAL A 134 -13.01 16.56 46.12
N CYS A 135 -11.92 16.02 45.62
CA CYS A 135 -10.60 16.49 45.99
C CYS A 135 -9.77 16.72 44.74
N PHE A 136 -9.16 17.89 44.61
CA PHE A 136 -8.20 18.14 43.52
C PHE A 136 -6.79 18.13 44.05
N LEU A 137 -5.91 17.48 43.30
CA LEU A 137 -4.49 17.45 43.56
C LEU A 137 -3.82 17.96 42.32
N ASN A 138 -3.33 19.18 42.37
CA ASN A 138 -2.89 19.84 41.16
C ASN A 138 -1.38 20.02 41.11
N ASN A 139 -0.84 19.82 39.91
CA ASN A 139 0.51 20.22 39.52
C ASN A 139 1.63 19.52 40.27
N PHE A 140 1.83 18.25 40.01
CA PHE A 140 2.85 17.50 40.72
C PHE A 140 3.68 16.65 39.77
N TYR A 141 4.89 16.37 40.23
CA TYR A 141 5.81 15.46 39.59
C TYR A 141 6.52 14.70 40.70
N PRO A 142 6.75 13.40 40.51
CA PRO A 142 6.31 12.59 39.37
C PRO A 142 4.88 12.08 39.50
N LYS A 143 4.41 11.44 38.44
CA LYS A 143 3.03 10.91 38.34
C LYS A 143 2.60 10.08 39.54
N ASP A 144 3.46 9.17 39.98
CA ASP A 144 3.21 8.38 41.18
C ASP A 144 2.65 9.22 42.30
N ILE A 145 1.44 8.86 42.75
CA ILE A 145 0.76 9.55 43.84
C ILE A 145 -0.37 8.70 44.42
N ASN A 146 -0.39 8.52 45.73
CA ASN A 146 -1.52 7.82 46.29
C ASN A 146 -2.39 8.67 47.17
N VAL A 147 -3.68 8.69 46.82
CA VAL A 147 -4.70 9.46 47.54
C VAL A 147 -5.72 8.52 48.18
N LYS A 148 -6.00 8.72 49.45
CA LYS A 148 -7.03 7.93 50.12
C LYS A 148 -7.94 8.79 50.97
N TRP A 149 -9.23 8.53 50.83
CA TRP A 149 -10.27 9.25 51.53
C TRP A 149 -10.53 8.64 52.87
N LYS A 150 -10.96 9.47 53.82
CA LYS A 150 -11.35 9.04 55.16
C LYS A 150 -12.58 9.80 55.60
N ILE A 151 -13.65 9.09 55.93
CA ILE A 151 -14.79 9.71 56.57
C ILE A 151 -14.69 9.43 58.06
N ASP A 152 -14.83 10.46 58.88
CA ASP A 152 -14.72 10.30 60.32
C ASP A 152 -13.47 9.50 60.68
N GLY A 153 -12.37 9.82 60.01
CA GLY A 153 -11.08 9.19 60.26
C GLY A 153 -10.95 7.70 59.97
N SER A 154 -11.91 7.15 59.22
CA SER A 154 -11.87 5.74 58.80
C SER A 154 -11.87 5.69 57.29
N GLU A 155 -11.01 4.85 56.75
CA GLU A 155 -10.76 4.89 55.32
C GLU A 155 -11.96 4.40 54.56
N ARG A 156 -12.15 4.97 53.37
CA ARG A 156 -13.03 4.43 52.35
C ARG A 156 -12.41 4.37 50.97
N GLN A 157 -12.51 3.22 50.33
CA GLN A 157 -12.09 3.07 48.95
C GLN A 157 -13.25 2.66 48.11
N ASN A 158 -14.44 2.83 48.64
CA ASN A 158 -15.64 2.33 48.01
C ASN A 158 -16.27 3.52 47.37
N GLY A 159 -16.54 3.42 46.08
CA GLY A 159 -17.04 4.56 45.32
C GLY A 159 -16.18 5.78 45.17
N VAL A 160 -14.92 5.55 44.87
CA VAL A 160 -14.00 6.61 44.61
C VAL A 160 -13.68 6.58 43.13
N LEU A 161 -13.68 7.73 42.48
CA LEU A 161 -13.20 7.79 41.13
C LEU A 161 -12.00 8.65 41.09
N ASN A 162 -10.94 8.14 40.50
CA ASN A 162 -9.69 8.88 40.37
C ASN A 162 -9.41 9.15 38.92
N SER A 163 -9.12 10.40 38.59
CA SER A 163 -8.88 10.76 37.21
C SER A 163 -7.65 11.62 37.08
N TRP A 164 -6.75 11.19 36.18
CA TRP A 164 -5.50 11.87 35.92
C TRP A 164 -5.57 12.59 34.60
N THR A 165 -5.09 13.82 34.59
CA THR A 165 -4.84 14.54 33.35
C THR A 165 -3.56 14.01 32.70
N ASP A 166 -3.41 14.40 31.43
CA ASP A 166 -2.13 14.26 30.73
C ASP A 166 -1.04 15.12 31.40
N GLN A 167 0.22 14.66 31.31
CA GLN A 167 1.32 15.48 31.77
C GLN A 167 1.09 16.79 31.08
N ASP A 168 0.88 17.87 31.82
CA ASP A 168 0.65 19.16 31.18
C ASP A 168 1.86 19.46 30.30
N SER A 169 1.63 19.72 29.02
CA SER A 169 2.72 19.93 28.03
C SER A 169 3.53 21.21 28.24
N LYS A 170 2.85 22.29 28.64
CA LYS A 170 3.54 23.55 28.92
C LYS A 170 4.45 23.47 30.15
N ASP A 171 4.15 22.57 31.10
CA ASP A 171 4.85 22.60 32.40
C ASP A 171 5.26 21.26 33.03
N SER A 172 5.01 20.17 32.31
CA SER A 172 5.41 18.79 32.68
C SER A 172 4.88 18.20 34.00
N THR A 173 3.87 18.81 34.59
CA THR A 173 3.34 18.30 35.83
C THR A 173 2.10 17.53 35.49
N TYR A 174 1.63 16.82 36.49
CA TYR A 174 0.34 16.15 36.46
C TYR A 174 -0.63 16.77 37.45
N SER A 175 -1.91 16.49 37.23
CA SER A 175 -2.97 16.81 38.17
C SER A 175 -3.96 15.64 38.19
N MET A 176 -4.65 15.43 39.31
CA MET A 176 -5.72 14.46 39.36
C MET A 176 -6.90 14.92 40.20
N SER A 177 -8.09 14.47 39.81
CA SER A 177 -9.31 14.68 40.58
C SER A 177 -9.72 13.37 41.23
N SER A 178 -10.17 13.42 42.48
CA SER A 178 -10.67 12.22 43.14
C SER A 178 -12.04 12.49 43.70
N THR A 179 -12.99 11.65 43.35
CA THR A 179 -14.36 11.86 43.74
C THR A 179 -14.88 10.69 44.53
N LEU A 180 -15.47 11.00 45.68
CA LEU A 180 -16.14 10.03 46.51
C LEU A 180 -17.62 10.29 46.42
N THR A 181 -18.41 9.31 45.97
CA THR A 181 -19.86 9.55 45.83
C THR A 181 -20.65 8.71 46.83
N LEU A 182 -21.61 9.37 47.47
CA LEU A 182 -22.46 8.80 48.50
C LEU A 182 -23.88 9.25 48.29
N THR A 183 -24.79 8.60 49.00
CA THR A 183 -26.14 9.10 49.10
C THR A 183 -26.11 10.28 50.06
N LYS A 184 -27.06 11.18 49.88
CA LYS A 184 -27.18 12.34 50.77
C LYS A 184 -27.40 11.93 52.22
N ASP A 185 -27.99 10.75 52.39
CA ASP A 185 -28.29 10.25 53.71
C ASP A 185 -27.00 9.95 54.45
N GLU A 186 -26.18 9.06 53.88
CA GLU A 186 -24.85 8.77 54.40
C GLU A 186 -24.13 10.07 54.71
N TYR A 187 -24.18 11.01 53.77
CA TYR A 187 -23.47 12.27 53.91
C TYR A 187 -23.78 13.00 55.21
N GLU A 188 -25.07 13.12 55.53
CA GLU A 188 -25.51 13.82 56.74
C GLU A 188 -25.05 13.09 58.02
N ARG A 189 -25.06 11.76 57.99
CA ARG A 189 -24.72 10.96 59.20
C ARG A 189 -23.32 11.27 59.70
N HIS A 190 -22.36 11.39 58.81
CA HIS A 190 -20.97 11.60 59.23
C HIS A 190 -20.72 13.09 59.40
N ASN A 191 -19.51 13.44 59.79
CA ASN A 191 -19.18 14.84 60.17
C ASN A 191 -17.86 15.35 59.62
N SER A 192 -16.82 14.55 59.71
CA SER A 192 -15.52 14.91 59.17
C SER A 192 -15.20 14.12 57.89
N TYR A 193 -14.85 14.85 56.83
CA TYR A 193 -14.46 14.22 55.60
C TYR A 193 -13.02 14.62 55.30
N THR A 194 -12.21 13.66 54.91
CA THR A 194 -10.79 13.91 54.73
C THR A 194 -10.26 13.32 53.46
N CYS A 195 -9.29 14.01 52.90
CA CYS A 195 -8.67 13.62 51.66
C CYS A 195 -7.18 13.69 51.87
N GLU A 196 -6.53 12.54 51.79
CA GLU A 196 -5.13 12.43 52.19
C GLU A 196 -4.24 12.05 51.02
N ALA A 197 -3.36 12.98 50.63
CA ALA A 197 -2.46 12.76 49.52
C ALA A 197 -1.09 12.33 50.01
N THR A 198 -0.57 11.29 49.36
CA THR A 198 0.76 10.76 49.68
C THR A 198 1.61 10.76 48.42
N HIS A 199 2.78 11.37 48.51
CA HIS A 199 3.58 11.65 47.34
C HIS A 199 5.03 11.38 47.63
N LYS A 200 5.79 11.27 46.55
CA LYS A 200 7.21 11.05 46.63
C LYS A 200 7.81 12.11 47.54
N THR A 201 7.25 13.31 47.47
CA THR A 201 7.74 14.48 48.19
C THR A 201 7.08 14.80 49.54
N SER A 202 6.25 13.91 50.08
CA SER A 202 5.32 14.30 51.16
C SER A 202 5.81 14.72 52.58
N THR A 203 6.72 14.03 53.27
CA THR A 203 6.98 12.59 53.24
C THR A 203 5.74 11.94 53.76
N SER A 204 5.21 12.54 54.83
CA SER A 204 3.96 12.12 55.44
C SER A 204 2.82 12.65 54.57
N PRO A 205 1.56 12.14 54.80
CA PRO A 205 0.56 12.57 53.82
C PRO A 205 0.21 14.04 53.92
N ILE A 206 -0.02 14.66 52.77
CA ILE A 206 -0.65 15.95 52.74
C ILE A 206 -2.13 15.69 52.85
N VAL A 207 -2.76 16.35 53.80
CA VAL A 207 -4.20 16.16 54.04
C VAL A 207 -4.94 17.50 54.03
N LYS A 208 -6.17 17.44 53.54
CA LYS A 208 -7.06 18.59 53.47
C LYS A 208 -8.42 18.07 53.87
N SER A 209 -9.01 18.68 54.87
CA SER A 209 -10.18 18.12 55.49
C SER A 209 -11.28 19.16 55.70
N PHE A 210 -12.44 18.69 56.15
CA PHE A 210 -13.50 19.60 56.58
C PHE A 210 -14.50 18.89 57.48
N ASN A 211 -15.36 19.70 58.10
CA ASN A 211 -16.37 19.20 59.05
C ASN A 211 -17.73 19.83 58.80
N ARG A 212 -18.75 18.99 58.66
CA ARG A 212 -20.08 19.47 58.23
C ARG A 212 -20.82 20.11 59.41
N ASN A 213 -20.57 19.63 60.62
CA ASN A 213 -21.02 20.30 61.85
C ASN A 213 -20.08 21.44 62.20
N GLU A 214 -19.98 22.38 61.25
CA GLU A 214 -19.09 23.54 61.31
C GLU A 214 -18.12 23.52 62.49
N VAL B 2 2.42 2.82 1.96
CA VAL B 2 1.65 1.77 2.71
C VAL B 2 0.60 2.40 3.59
N LYS B 3 -0.63 1.88 3.53
CA LYS B 3 -1.72 2.46 4.30
C LYS B 3 -2.71 1.43 4.81
N LEU B 4 -3.34 1.78 5.93
CA LEU B 4 -4.38 0.98 6.55
C LEU B 4 -5.34 1.97 7.19
N VAL B 5 -6.54 2.07 6.64
CA VAL B 5 -7.54 2.98 7.19
C VAL B 5 -8.76 2.15 7.60
N GLU B 6 -9.01 2.14 8.91
CA GLU B 6 -10.16 1.45 9.49
C GLU B 6 -11.38 2.36 9.42
N SER B 7 -12.55 1.76 9.50
CA SER B 7 -13.81 2.49 9.64
C SER B 7 -14.89 1.50 10.03
N GLY B 8 -16.03 2.03 10.47
CA GLY B 8 -17.13 1.21 10.92
C GLY B 8 -17.40 1.38 12.40
N GLY B 9 -16.43 1.96 13.11
CA GLY B 9 -16.58 2.18 14.53
C GLY B 9 -17.74 3.10 14.83
N GLY B 10 -18.10 3.23 16.10
CA GLY B 10 -19.16 4.11 16.57
C GLY B 10 -19.93 3.53 17.74
N LEU B 11 -20.91 4.29 18.20
CA LEU B 11 -21.79 3.83 19.26
C LEU B 11 -22.64 2.63 18.82
N VAL B 12 -22.86 1.66 19.71
CA VAL B 12 -23.77 0.53 19.51
C VAL B 12 -24.30 0.01 20.86
N LYS B 13 -25.57 -0.40 20.89
CA LYS B 13 -26.20 -0.87 22.11
C LYS B 13 -25.70 -2.24 22.52
N LEU B 14 -25.81 -2.55 23.80
CA LEU B 14 -25.46 -3.87 24.32
C LEU B 14 -26.19 -4.95 23.51
N GLY B 15 -25.53 -6.07 23.24
CA GLY B 15 -26.06 -7.12 22.39
C GLY B 15 -25.91 -6.81 20.93
N GLY B 16 -25.51 -5.58 20.63
CA GLY B 16 -25.43 -5.08 19.26
C GLY B 16 -24.41 -5.78 18.38
N SER B 17 -24.47 -5.48 17.09
CA SER B 17 -23.51 -5.98 16.11
C SER B 17 -22.85 -4.82 15.40
N LEU B 18 -21.76 -5.12 14.71
CA LEU B 18 -20.97 -4.10 14.08
C LEU B 18 -19.99 -4.76 13.15
N LYS B 19 -19.83 -4.22 11.95
CA LYS B 19 -18.82 -4.72 11.02
C LYS B 19 -17.78 -3.64 10.84
N LEU B 20 -16.55 -3.89 11.26
CA LEU B 20 -15.50 -2.94 10.99
C LEU B 20 -14.87 -3.30 9.68
N SER B 21 -14.37 -2.29 8.98
CA SER B 21 -13.68 -2.47 7.69
C SER B 21 -12.32 -1.86 7.83
N CYS B 22 -11.39 -2.37 7.03
CA CYS B 22 -10.09 -1.75 6.90
C CYS B 22 -9.68 -1.79 5.44
N ALA B 23 -9.51 -0.62 4.85
CA ALA B 23 -9.03 -0.51 3.46
C ALA B 23 -7.51 -0.41 3.47
N ALA B 24 -6.86 -1.22 2.62
CA ALA B 24 -5.41 -1.31 2.59
C ALA B 24 -4.87 -0.79 1.27
N SER B 25 -3.70 -0.16 1.28
CA SER B 25 -3.03 0.18 0.03
C SER B 25 -1.54 0.32 0.20
N GLY B 26 -0.84 0.48 -0.92
CA GLY B 26 0.60 0.67 -0.92
C GLY B 26 1.40 -0.62 -0.97
N PHE B 27 0.72 -1.76 -0.91
CA PHE B 27 1.38 -3.07 -1.01
C PHE B 27 0.40 -4.11 -1.56
N THR B 28 0.91 -5.33 -1.75
CA THR B 28 0.11 -6.41 -2.30
C THR B 28 -0.66 -7.11 -1.18
N PHE B 29 -1.84 -6.58 -0.90
CA PHE B 29 -2.73 -7.08 0.17
C PHE B 29 -2.75 -8.61 0.33
N SER B 30 -2.98 -9.30 -0.77
CA SER B 30 -3.20 -10.74 -0.72
C SER B 30 -1.93 -11.50 -0.38
N SER B 31 -0.79 -10.83 -0.33
CA SER B 31 0.48 -11.48 0.06
C SER B 31 0.67 -11.60 1.60
N TYR B 32 -0.10 -10.83 2.37
CA TYR B 32 0.14 -10.73 3.81
C TYR B 32 -0.96 -11.31 4.68
N TYR B 33 -0.55 -11.89 5.81
CA TYR B 33 -1.48 -12.17 6.89
C TYR B 33 -1.90 -10.82 7.45
N MET B 34 -3.07 -10.78 8.05
CA MET B 34 -3.62 -9.56 8.60
C MET B 34 -4.24 -9.89 9.93
N SER B 35 -4.61 -8.86 10.66
CA SER B 35 -5.15 -9.05 12.02
C SER B 35 -5.77 -7.79 12.60
N TRP B 36 -6.59 -8.00 13.62
CA TRP B 36 -7.14 -6.89 14.38
C TRP B 36 -6.60 -6.95 15.81
N VAL B 37 -6.32 -5.77 16.33
CA VAL B 37 -5.84 -5.63 17.69
C VAL B 37 -6.71 -4.61 18.33
N ARG B 38 -7.08 -4.82 19.58
CA ARG B 38 -7.85 -3.81 20.27
C ARG B 38 -7.11 -3.31 21.50
N GLN B 39 -7.39 -2.06 21.85
CA GLN B 39 -6.88 -1.42 23.06
C GLN B 39 -8.00 -0.97 23.94
N THR B 40 -8.09 -1.63 25.08
CA THR B 40 -8.98 -1.24 26.17
C THR B 40 -8.64 0.15 26.78
N PRO B 41 -9.63 0.83 27.41
CA PRO B 41 -9.37 2.17 27.96
C PRO B 41 -8.36 2.16 29.12
N GLU B 42 -8.36 1.11 29.93
CA GLU B 42 -7.13 0.68 30.61
C GLU B 42 -6.26 0.26 29.46
N LYS B 43 -5.21 1.00 29.13
CA LYS B 43 -4.72 0.89 27.72
C LYS B 43 -3.99 -0.40 27.38
N ARG B 44 -4.54 -1.55 27.76
CA ARG B 44 -3.96 -2.82 27.39
C ARG B 44 -4.28 -3.14 25.93
N LEU B 45 -3.38 -3.87 25.32
CA LEU B 45 -3.46 -4.21 23.92
C LEU B 45 -3.66 -5.69 23.79
N GLU B 46 -4.62 -6.08 22.99
CA GLU B 46 -4.79 -7.46 22.72
C GLU B 46 -5.29 -7.78 21.35
N LEU B 47 -4.72 -8.86 20.84
CA LEU B 47 -5.10 -9.42 19.59
C LEU B 47 -6.52 -9.92 19.69
N VAL B 48 -7.31 -9.55 18.69
CA VAL B 48 -8.68 -10.03 18.55
C VAL B 48 -8.77 -11.22 17.60
N ALA B 49 -8.08 -11.11 16.46
CA ALA B 49 -8.14 -12.12 15.42
C ALA B 49 -7.09 -11.92 14.33
N ALA B 50 -6.80 -13.00 13.63
CA ALA B 50 -5.90 -12.98 12.49
C ALA B 50 -6.33 -13.98 11.42
N ILE B 51 -5.79 -13.78 10.21
CA ILE B 51 -6.21 -14.49 9.03
C ILE B 51 -5.04 -14.53 8.07
N ASN B 52 -4.94 -15.60 7.28
CA ASN B 52 -3.79 -15.76 6.38
C ASN B 52 -3.94 -15.01 5.06
N SER B 53 -2.89 -15.09 4.23
CA SER B 53 -2.85 -14.44 2.91
C SER B 53 -4.13 -14.62 2.11
N ASN B 54 -4.49 -15.86 1.84
CA ASN B 54 -5.64 -16.09 0.95
C ASN B 54 -7.01 -15.88 1.64
N GLY B 55 -7.10 -16.21 2.93
CA GLY B 55 -8.33 -16.02 3.67
C GLY B 55 -8.95 -17.28 4.26
N GLY B 56 -8.39 -18.44 3.93
CA GLY B 56 -8.96 -19.72 4.35
C GLY B 56 -8.77 -20.05 5.82
N ASN B 57 -7.62 -19.66 6.37
CA ASN B 57 -7.28 -19.93 7.77
C ASN B 57 -7.41 -18.67 8.62
N THR B 58 -8.24 -18.77 9.65
CA THR B 58 -8.41 -17.66 10.58
C THR B 58 -8.02 -18.13 11.97
N TYR B 59 -7.64 -17.19 12.83
CA TYR B 59 -7.10 -17.51 14.14
C TYR B 59 -7.76 -16.65 15.21
N TYR B 60 -8.28 -17.30 16.23
CA TYR B 60 -8.96 -16.59 17.31
C TYR B 60 -8.51 -17.03 18.70
N PRO B 61 -8.08 -16.05 19.57
CA PRO B 61 -8.04 -16.49 20.98
C PRO B 61 -9.42 -16.88 21.53
N ASP B 62 -10.44 -16.05 21.31
CA ASP B 62 -11.85 -16.38 21.61
C ASP B 62 -12.83 -15.40 20.90
N THR B 63 -14.05 -15.79 20.60
CA THR B 63 -14.51 -17.18 20.48
C THR B 63 -14.90 -17.26 19.02
N VAL B 64 -14.83 -18.46 18.44
CA VAL B 64 -14.63 -18.55 17.00
C VAL B 64 -15.62 -17.73 16.19
N LYS B 65 -16.92 -17.96 16.41
CA LYS B 65 -17.95 -17.12 15.77
C LYS B 65 -18.90 -16.54 16.81
N GLY B 66 -18.63 -16.86 18.07
CA GLY B 66 -19.50 -16.44 19.16
C GLY B 66 -19.49 -14.93 19.26
N LEU B 67 -18.32 -14.34 19.05
CA LEU B 67 -18.21 -12.90 19.17
C LEU B 67 -17.67 -12.32 17.87
N PHE B 68 -16.46 -12.70 17.52
CA PHE B 68 -15.75 -12.00 16.46
C PHE B 68 -15.50 -12.90 15.29
N THR B 69 -15.64 -12.34 14.08
CA THR B 69 -15.32 -13.09 12.86
C THR B 69 -14.54 -12.22 11.90
N ILE B 70 -13.42 -12.75 11.44
CA ILE B 70 -12.52 -12.00 10.59
C ILE B 70 -12.58 -12.56 9.18
N SER B 71 -12.39 -11.70 8.22
CA SER B 71 -12.45 -12.10 6.83
C SER B 71 -11.80 -11.03 5.98
N ARG B 72 -11.51 -11.39 4.75
CA ARG B 72 -10.91 -10.46 3.83
C ARG B 72 -11.44 -10.68 2.41
N ASP B 73 -11.46 -9.60 1.64
CA ASP B 73 -11.81 -9.68 0.23
C ASP B 73 -10.58 -9.22 -0.53
N ASN B 74 -9.80 -10.18 -1.02
CA ASN B 74 -8.55 -9.82 -1.64
C ASN B 74 -8.73 -8.97 -2.91
N ALA B 75 -9.82 -9.15 -3.64
CA ALA B 75 -10.10 -8.31 -4.83
C ALA B 75 -10.28 -6.83 -4.44
N LYS B 76 -10.76 -6.61 -3.23
CA LYS B 76 -11.10 -5.28 -2.79
C LYS B 76 -10.07 -4.69 -1.85
N ASN B 77 -8.97 -5.41 -1.63
CA ASN B 77 -7.99 -4.96 -0.63
C ASN B 77 -8.65 -4.55 0.68
N THR B 78 -9.61 -5.34 1.13
CA THR B 78 -10.37 -5.04 2.33
C THR B 78 -10.33 -6.20 3.34
N LEU B 79 -10.34 -5.79 4.60
CA LEU B 79 -10.31 -6.69 5.72
C LEU B 79 -11.48 -6.32 6.58
N TYR B 80 -12.13 -7.35 7.10
CA TYR B 80 -13.36 -7.17 7.83
C TYR B 80 -13.28 -7.85 9.17
N LEU B 81 -14.04 -7.29 10.10
CA LEU B 81 -14.28 -7.89 11.38
C LEU B 81 -15.75 -7.78 11.75
N GLN B 82 -16.45 -8.91 11.76
CA GLN B 82 -17.81 -8.95 12.27
C GLN B 82 -17.77 -9.08 13.77
N MET B 83 -18.36 -8.12 14.45
CA MET B 83 -18.53 -8.18 15.87
C MET B 83 -20.00 -8.38 16.11
N SER B 84 -20.35 -9.23 17.04
CA SER B 84 -21.74 -9.43 17.34
C SER B 84 -21.93 -9.72 18.80
N ARG B 85 -23.15 -9.52 19.28
CA ARG B 85 -23.49 -9.92 20.64
C ARG B 85 -22.55 -9.23 21.65
N LEU B 86 -22.42 -7.91 21.54
CA LEU B 86 -21.38 -7.15 22.23
C LEU B 86 -21.69 -6.65 23.63
N LYS B 87 -20.65 -6.60 24.48
CA LYS B 87 -20.73 -6.11 25.88
C LYS B 87 -19.98 -4.81 26.08
N SER B 88 -20.20 -4.19 27.23
CA SER B 88 -19.45 -3.00 27.60
C SER B 88 -17.93 -3.12 27.39
N GLU B 89 -17.37 -4.18 27.94
CA GLU B 89 -15.94 -4.39 27.93
C GLU B 89 -15.39 -4.62 26.55
N ASP B 90 -16.23 -4.59 25.51
CA ASP B 90 -15.73 -4.53 24.13
C ASP B 90 -15.55 -3.10 23.63
N THR B 91 -15.99 -2.12 24.42
CA THR B 91 -15.62 -0.74 24.18
C THR B 91 -14.09 -0.61 24.09
N ALA B 92 -13.58 -0.19 22.93
CA ALA B 92 -12.15 -0.13 22.75
C ALA B 92 -11.82 0.53 21.44
N LEU B 93 -10.54 0.75 21.21
CA LEU B 93 -10.08 1.25 19.95
C LEU B 93 -9.55 0.05 19.19
N TYR B 94 -9.95 -0.08 17.94
CA TYR B 94 -9.66 -1.26 17.13
C TYR B 94 -8.74 -0.94 15.99
N TYR B 95 -7.64 -1.65 15.93
CA TYR B 95 -6.65 -1.46 14.94
C TYR B 95 -6.59 -2.58 13.91
N CYS B 96 -6.31 -2.16 12.70
CA CYS B 96 -6.03 -3.02 11.58
C CYS B 96 -4.51 -3.06 11.53
N THR B 97 -3.94 -4.25 11.38
CA THR B 97 -2.49 -4.38 11.42
C THR B 97 -2.04 -5.41 10.44
N ARG B 98 -0.97 -5.13 9.72
CA ARG B 98 -0.37 -6.12 8.86
C ARG B 98 0.64 -6.93 9.65
N LEU B 99 0.59 -8.24 9.47
CA LEU B 99 1.45 -9.15 10.16
C LEU B 99 2.64 -9.42 9.29
N TYR B 100 3.79 -9.64 9.92
CA TYR B 100 5.06 -9.80 9.24
C TYR B 100 5.84 -10.96 9.81
N GLY B 101 6.45 -11.71 8.92
CA GLY B 101 7.29 -12.80 9.28
C GLY B 101 8.61 -12.58 8.56
N ASN B 102 9.66 -13.13 9.12
CA ASN B 102 10.97 -13.16 8.48
C ASN B 102 11.54 -14.53 8.81
N TYR B 103 12.46 -15.04 8.00
CA TYR B 103 12.48 -16.48 7.78
C TYR B 103 10.95 -16.64 7.61
N VAL B 104 10.27 -17.52 8.35
CA VAL B 104 8.87 -17.76 8.04
C VAL B 104 7.94 -18.10 9.19
N ARG B 105 8.26 -17.57 10.36
CA ARG B 105 7.24 -17.36 11.35
C ARG B 105 6.71 -15.97 11.13
N ILE B 106 5.39 -15.82 11.18
CA ILE B 106 4.74 -14.54 11.42
C ILE B 106 4.73 -14.33 12.93
N HIS B 107 5.25 -13.20 13.37
CA HIS B 107 5.44 -12.95 14.83
C HIS B 107 5.23 -11.51 15.28
N THR B 108 5.49 -10.58 14.38
CA THR B 108 5.33 -9.20 14.67
C THR B 108 4.27 -8.57 13.75
N MET B 109 3.94 -7.32 14.02
CA MET B 109 2.95 -6.59 13.29
C MET B 109 3.58 -5.33 12.75
N ASP B 110 4.09 -5.39 11.52
CA ASP B 110 4.91 -4.30 10.98
C ASP B 110 4.18 -2.99 10.64
N TYR B 111 2.94 -3.05 10.17
CA TYR B 111 2.19 -1.81 9.94
C TYR B 111 0.82 -1.84 10.64
N TRP B 112 0.39 -0.67 11.11
CA TRP B 112 -0.81 -0.50 11.93
C TRP B 112 -1.70 0.59 11.38
N GLY B 113 -3.01 0.36 11.36
CA GLY B 113 -3.91 1.42 11.04
C GLY B 113 -3.92 2.39 12.19
N GLN B 114 -4.70 3.43 12.10
CA GLN B 114 -4.80 4.46 13.16
C GLN B 114 -5.87 4.20 14.18
N GLY B 115 -6.83 3.37 13.82
CA GLY B 115 -7.78 2.84 14.81
C GLY B 115 -9.19 3.37 14.65
N THR B 116 -10.18 2.56 14.98
CA THR B 116 -11.58 3.06 15.07
C THR B 116 -12.05 2.82 16.48
N SER B 117 -12.59 3.87 17.07
CA SER B 117 -13.22 3.79 18.37
C SER B 117 -14.60 3.13 18.30
N VAL B 118 -14.82 2.16 19.16
CA VAL B 118 -16.12 1.48 19.28
C VAL B 118 -16.68 1.60 20.70
N THR B 119 -17.84 2.23 20.85
CA THR B 119 -18.46 2.36 22.17
C THR B 119 -19.65 1.43 22.27
N VAL B 120 -19.69 0.62 23.32
CA VAL B 120 -20.80 -0.29 23.52
C VAL B 120 -21.56 0.13 24.74
N SER B 121 -22.71 0.77 24.54
CA SER B 121 -23.54 1.18 25.64
C SER B 121 -25.02 1.21 25.25
N SER B 122 -25.89 0.78 26.16
CA SER B 122 -27.33 0.89 25.95
C SER B 122 -27.91 2.12 26.60
N ALA B 123 -27.03 2.92 27.21
CA ALA B 123 -27.38 4.21 27.78
C ALA B 123 -28.19 5.08 26.83
N LYS B 124 -29.04 5.89 27.42
CA LYS B 124 -29.88 6.86 26.70
C LYS B 124 -29.20 8.22 26.75
N THR B 125 -29.30 9.04 25.70
CA THR B 125 -28.71 10.37 25.83
C THR B 125 -29.33 11.12 26.99
N THR B 126 -28.50 11.33 28.01
CA THR B 126 -28.82 11.98 29.25
C THR B 126 -27.94 13.22 29.41
N PRO B 127 -28.54 14.36 29.82
CA PRO B 127 -27.78 15.59 29.96
C PRO B 127 -27.15 15.66 31.34
N PRO B 128 -26.04 16.42 31.47
CA PRO B 128 -25.27 16.48 32.71
C PRO B 128 -25.92 17.32 33.81
N SER B 129 -25.76 16.88 35.03
CA SER B 129 -26.01 17.74 36.17
C SER B 129 -24.69 18.47 36.46
N VAL B 130 -24.76 19.78 36.58
CA VAL B 130 -23.58 20.59 36.82
C VAL B 130 -23.61 21.14 38.23
N TYR B 131 -22.54 20.88 38.97
CA TYR B 131 -22.50 21.22 40.40
C TYR B 131 -21.26 22.01 40.71
N PRO B 132 -21.42 23.28 41.08
CA PRO B 132 -20.25 24.08 41.43
C PRO B 132 -19.59 23.64 42.74
N LEU B 133 -18.28 23.83 42.81
CA LEU B 133 -17.49 23.36 43.94
C LEU B 133 -16.76 24.52 44.56
N ALA B 134 -17.36 25.03 45.61
CA ALA B 134 -16.74 25.99 46.50
C ALA B 134 -16.03 25.19 47.60
N PRO B 135 -14.79 25.57 47.95
CA PRO B 135 -13.96 24.79 48.89
C PRO B 135 -14.46 24.72 50.33
N GLY B 136 -13.70 24.12 51.24
CA GLY B 136 -14.15 24.05 52.62
C GLY B 136 -13.11 23.47 53.56
N CYS B 137 -13.39 23.46 54.86
CA CYS B 137 -14.46 24.20 55.51
C CYS B 137 -14.14 24.19 56.99
N SER B 144 -4.27 32.73 47.11
CA SER B 144 -4.65 31.92 45.93
C SER B 144 -5.65 30.80 46.25
N VAL B 145 -6.77 30.72 45.53
CA VAL B 145 -7.89 29.82 45.85
C VAL B 145 -8.34 29.03 44.62
N THR B 146 -8.62 27.74 44.83
CA THR B 146 -9.01 26.82 43.76
C THR B 146 -10.48 26.43 43.86
N LEU B 147 -11.16 26.51 42.73
CA LEU B 147 -12.57 26.20 42.66
C LEU B 147 -12.78 25.06 41.71
N GLY B 148 -13.99 24.51 41.72
CA GLY B 148 -14.32 23.37 40.86
C GLY B 148 -15.74 23.31 40.34
N CYS B 149 -15.93 22.44 39.37
CA CYS B 149 -17.21 22.25 38.76
C CYS B 149 -17.32 20.77 38.50
N LEU B 150 -18.23 20.10 39.19
CA LEU B 150 -18.53 18.70 38.92
C LEU B 150 -19.62 18.56 37.86
N VAL B 151 -19.38 17.68 36.89
CA VAL B 151 -20.27 17.49 35.78
C VAL B 151 -20.58 16.03 35.66
N LYS B 152 -21.67 15.59 36.28
CA LYS B 152 -22.01 14.19 36.23
C LYS B 152 -23.36 13.80 35.64
N GLY B 153 -23.40 12.56 35.20
CA GLY B 153 -24.60 11.88 34.80
C GLY B 153 -24.96 12.10 33.38
N TYR B 154 -23.98 12.17 32.51
CA TYR B 154 -24.26 12.49 31.11
C TYR B 154 -23.87 11.39 30.13
N PHE B 155 -24.54 11.47 28.99
CA PHE B 155 -24.33 10.54 27.92
C PHE B 155 -24.95 11.12 26.67
N PRO B 156 -24.35 10.89 25.52
CA PRO B 156 -23.01 10.36 25.38
C PRO B 156 -21.97 11.44 25.63
N GLU B 157 -20.71 11.02 25.54
CA GLU B 157 -19.60 11.91 25.64
C GLU B 157 -19.61 12.78 24.38
N SER B 158 -19.09 13.99 24.37
CA SER B 158 -18.49 14.66 25.51
C SER B 158 -19.22 15.93 25.84
N VAL B 159 -18.70 16.62 26.86
CA VAL B 159 -19.08 18.00 27.20
C VAL B 159 -17.92 18.95 27.09
N THR B 160 -18.23 20.24 27.13
CA THR B 160 -17.20 21.26 27.26
C THR B 160 -17.51 22.20 28.44
N VAL B 161 -16.48 22.45 29.25
CA VAL B 161 -16.53 23.39 30.35
C VAL B 161 -15.72 24.65 30.04
N THR B 162 -16.27 25.80 30.35
CA THR B 162 -15.50 27.03 30.22
C THR B 162 -15.75 27.90 31.42
N TRP B 163 -14.65 28.40 31.99
CA TRP B 163 -14.72 29.17 33.23
C TRP B 163 -14.83 30.65 32.99
N ASN B 164 -15.81 31.25 33.63
CA ASN B 164 -16.33 32.53 33.24
C ASN B 164 -16.67 32.49 31.75
N SER B 165 -15.97 33.24 30.91
CA SER B 165 -16.25 33.27 29.47
C SER B 165 -15.23 32.72 28.47
N GLY B 166 -14.00 32.35 28.80
CA GLY B 166 -13.39 32.43 30.10
C GLY B 166 -12.13 33.27 30.12
N SER B 167 -12.15 34.32 30.92
CA SER B 167 -10.97 35.18 31.10
C SER B 167 -9.81 34.38 31.67
N LEU B 168 -10.15 33.43 32.53
CA LEU B 168 -9.18 32.60 33.22
C LEU B 168 -8.91 31.38 32.36
N SER B 169 -8.24 31.60 31.23
CA SER B 169 -8.00 30.52 30.27
C SER B 169 -7.00 29.51 30.80
N SER B 170 -5.95 30.05 31.43
CA SER B 170 -4.88 29.27 32.06
C SER B 170 -5.25 29.03 33.51
N SER B 171 -4.42 28.25 34.20
CA SER B 171 -4.63 27.88 35.61
C SER B 171 -5.92 27.03 35.75
N VAL B 172 -6.37 26.44 34.64
CA VAL B 172 -7.58 25.63 34.58
C VAL B 172 -7.22 24.20 34.19
N HIS B 173 -7.71 23.23 34.95
CA HIS B 173 -7.55 21.82 34.57
C HIS B 173 -8.88 21.19 34.25
N THR B 174 -8.86 20.33 33.24
CA THR B 174 -10.04 19.60 32.85
C THR B 174 -9.72 18.14 33.02
N PHE B 175 -10.50 17.44 33.81
CA PHE B 175 -10.18 16.07 34.10
C PHE B 175 -11.01 15.16 33.22
N PRO B 176 -10.35 14.19 32.60
CA PRO B 176 -11.06 13.35 31.63
C PRO B 176 -12.19 12.56 32.27
N ALA B 177 -13.24 12.32 31.52
CA ALA B 177 -14.44 11.70 32.06
C ALA B 177 -14.29 10.20 32.30
N LEU B 178 -15.05 9.68 33.25
CA LEU B 178 -15.06 8.28 33.52
C LEU B 178 -16.48 7.77 33.66
N LEU B 179 -16.62 6.52 33.26
CA LEU B 179 -17.89 5.88 33.16
C LEU B 179 -18.27 5.42 34.53
N GLN B 180 -19.33 5.97 35.06
CA GLN B 180 -19.82 5.52 36.36
C GLN B 180 -21.33 5.38 36.37
N SER B 181 -21.79 4.25 36.90
CA SER B 181 -23.19 3.90 36.98
C SER B 181 -23.89 3.97 35.63
N GLY B 182 -23.16 3.62 34.56
CA GLY B 182 -23.70 3.63 33.21
C GLY B 182 -23.43 4.92 32.48
N LEU B 183 -23.32 6.03 33.21
CA LEU B 183 -23.09 7.35 32.58
C LEU B 183 -21.67 7.86 32.80
N TYR B 184 -21.38 9.05 32.27
CA TYR B 184 -20.08 9.66 32.38
C TYR B 184 -19.99 10.77 33.39
N THR B 185 -18.86 10.81 34.09
CA THR B 185 -18.57 11.89 35.02
C THR B 185 -17.21 12.53 34.72
N MET B 186 -17.16 13.85 34.72
CA MET B 186 -15.91 14.59 34.66
C MET B 186 -15.94 15.79 35.60
N SER B 187 -14.82 16.48 35.71
CA SER B 187 -14.72 17.61 36.60
C SER B 187 -13.68 18.53 36.11
N SER B 188 -13.71 19.74 36.62
CA SER B 188 -12.87 20.80 36.14
C SER B 188 -12.58 21.71 37.30
N SER B 189 -11.35 22.22 37.35
CA SER B 189 -10.93 23.16 38.38
C SER B 189 -10.34 24.41 37.77
N VAL B 190 -10.33 25.47 38.57
CA VAL B 190 -9.61 26.68 38.22
C VAL B 190 -9.03 27.30 39.49
N THR B 191 -7.84 27.89 39.38
CA THR B 191 -7.24 28.62 40.49
C THR B 191 -7.27 30.12 40.23
N VAL B 192 -7.64 30.87 41.25
CA VAL B 192 -7.74 32.35 41.16
C VAL B 192 -7.23 33.02 42.45
N PRO B 193 -6.96 34.33 42.41
CA PRO B 193 -6.46 34.99 43.60
C PRO B 193 -7.51 35.15 44.70
N SER B 194 -7.13 34.80 45.93
CA SER B 194 -7.97 34.90 47.14
C SER B 194 -8.54 36.32 47.32
N SER B 195 -7.63 37.29 47.33
CA SER B 195 -7.92 38.73 47.21
C SER B 195 -7.99 39.08 45.71
N THR B 196 -9.20 39.14 45.12
CA THR B 196 -10.48 38.99 45.82
C THR B 196 -11.41 37.96 45.15
N TRP B 197 -12.04 37.14 45.98
CA TRP B 197 -13.18 36.29 45.59
C TRP B 197 -13.85 35.83 46.90
N PRO B 198 -15.21 35.74 46.96
CA PRO B 198 -16.22 36.06 45.95
C PRO B 198 -16.72 37.52 45.95
N SER B 199 -15.80 38.48 46.07
CA SER B 199 -16.09 39.87 45.69
C SER B 199 -16.57 39.86 44.25
N GLU B 200 -15.97 38.97 43.46
CA GLU B 200 -16.34 38.77 42.06
C GLU B 200 -16.75 37.31 41.75
N THR B 201 -17.65 37.17 40.79
CA THR B 201 -18.37 35.93 40.58
C THR B 201 -17.53 35.07 39.67
N VAL B 202 -17.77 33.78 39.75
CA VAL B 202 -17.15 32.82 38.87
C VAL B 202 -18.20 31.86 38.35
N THR B 203 -18.13 31.56 37.05
CA THR B 203 -19.07 30.66 36.38
C THR B 203 -18.35 29.59 35.61
N CYS B 204 -18.75 28.35 35.80
CA CYS B 204 -18.45 27.34 34.80
C CYS B 204 -19.69 27.25 33.89
N SER B 205 -19.44 27.38 32.61
CA SER B 205 -20.47 27.15 31.60
C SER B 205 -20.17 25.79 31.02
N VAL B 206 -21.19 24.94 30.95
CA VAL B 206 -21.03 23.61 30.43
C VAL B 206 -21.97 23.42 29.27
N ALA B 207 -21.45 22.79 28.24
CA ALA B 207 -22.19 22.50 27.04
C ALA B 207 -22.17 21.01 26.74
N HIS B 208 -23.32 20.48 26.34
CA HIS B 208 -23.51 19.08 25.92
C HIS B 208 -24.35 19.06 24.63
N PRO B 209 -23.68 19.00 23.49
CA PRO B 209 -24.43 19.19 22.29
C PRO B 209 -25.37 18.03 22.00
N ALA B 210 -24.98 16.82 22.40
CA ALA B 210 -25.81 15.63 22.09
C ALA B 210 -27.24 15.68 22.68
N SER B 211 -27.42 16.50 23.73
CA SER B 211 -28.72 16.78 24.33
C SER B 211 -29.16 18.23 24.16
N SER B 212 -28.46 18.98 23.34
CA SER B 212 -28.72 20.41 23.19
C SER B 212 -28.86 21.17 24.50
N THR B 213 -27.95 20.93 25.45
CA THR B 213 -28.04 21.67 26.71
C THR B 213 -26.85 22.61 26.91
N THR B 214 -27.13 23.79 27.47
CA THR B 214 -26.12 24.77 27.88
C THR B 214 -26.47 25.25 29.27
N VAL B 215 -25.59 24.98 30.24
CA VAL B 215 -25.90 25.30 31.63
C VAL B 215 -24.78 26.13 32.25
N ASP B 216 -25.15 27.30 32.73
CA ASP B 216 -24.22 28.27 33.28
C ASP B 216 -24.43 28.30 34.79
N LYS B 217 -23.38 28.11 35.57
CA LYS B 217 -23.54 27.94 37.00
C LYS B 217 -22.66 28.86 37.82
N LYS B 218 -23.31 29.67 38.64
CA LYS B 218 -22.64 30.64 39.46
C LYS B 218 -22.04 29.86 40.62
N LEU B 219 -20.78 30.16 40.97
CA LEU B 219 -20.15 29.52 42.13
C LEU B 219 -20.70 30.05 43.43
N GLU B 220 -21.03 29.13 44.33
CA GLU B 220 -21.74 29.50 45.56
C GLU B 220 -21.05 28.90 46.79
N PRO B 221 -20.80 29.72 47.83
CA PRO B 221 -20.30 29.23 49.11
C PRO B 221 -21.15 28.14 49.78
N ASP C 1 24.09 -18.10 -44.00
CA ASP C 1 24.45 -16.88 -44.77
C ASP C 1 23.63 -16.65 -46.06
N ILE C 2 22.84 -17.60 -46.51
CA ILE C 2 21.80 -17.32 -47.49
C ILE C 2 20.90 -16.19 -46.93
N VAL C 3 20.93 -15.00 -47.52
CA VAL C 3 20.15 -13.87 -47.00
C VAL C 3 18.73 -13.87 -47.58
N LEU C 4 17.79 -13.26 -46.86
CA LEU C 4 16.38 -13.16 -47.24
C LEU C 4 15.88 -11.75 -47.03
N THR C 5 15.47 -11.09 -48.09
CA THR C 5 14.96 -9.76 -47.89
C THR C 5 13.49 -9.64 -48.20
N GLN C 6 12.75 -9.07 -47.26
CA GLN C 6 11.41 -8.67 -47.55
C GLN C 6 11.52 -7.17 -47.81
N SER C 7 11.16 -6.76 -49.02
CA SER C 7 11.42 -5.40 -49.48
C SER C 7 10.73 -4.38 -48.60
N THR C 8 9.55 -4.72 -48.12
CA THR C 8 8.72 -3.76 -47.44
C THR C 8 8.38 -4.15 -46.03
N SER C 9 8.56 -3.19 -45.13
CA SER C 9 8.17 -3.31 -43.74
C SER C 9 6.67 -3.34 -43.52
N SER C 10 5.96 -2.40 -44.14
CA SER C 10 4.52 -2.29 -43.93
C SER C 10 3.74 -2.06 -45.20
N LEU C 11 2.62 -2.75 -45.29
CA LEU C 11 1.69 -2.64 -46.38
C LEU C 11 0.34 -2.30 -45.80
N SER C 12 -0.29 -1.26 -46.33
CA SER C 12 -1.64 -0.89 -45.95
C SER C 12 -2.59 -1.46 -46.97
N ALA C 13 -3.61 -2.17 -46.49
CA ALA C 13 -4.65 -2.75 -47.35
C ALA C 13 -6.01 -2.55 -46.69
N SER C 14 -7.07 -3.09 -47.30
CA SER C 14 -8.43 -2.85 -46.81
C SER C 14 -9.26 -4.13 -46.71
N LEU C 15 -10.24 -4.14 -45.82
CA LEU C 15 -11.03 -5.35 -45.60
C LEU C 15 -11.63 -5.89 -46.88
N GLY C 16 -11.55 -7.21 -47.04
CA GLY C 16 -12.14 -7.89 -48.18
C GLY C 16 -11.31 -7.91 -49.46
N ASP C 17 -10.15 -7.26 -49.45
CA ASP C 17 -9.35 -7.17 -50.67
C ASP C 17 -8.09 -8.05 -50.60
N ARG C 18 -7.24 -7.91 -51.61
CA ARG C 18 -6.13 -8.84 -51.87
C ARG C 18 -4.77 -8.19 -51.57
N VAL C 19 -3.93 -8.92 -50.83
CA VAL C 19 -2.61 -8.44 -50.45
C VAL C 19 -1.52 -9.41 -50.88
N THR C 20 -0.40 -8.88 -51.36
CA THR C 20 0.73 -9.70 -51.75
C THR C 20 1.98 -9.23 -51.08
N ILE C 21 2.71 -10.18 -50.54
CA ILE C 21 4.01 -9.92 -49.93
C ILE C 21 5.03 -10.71 -50.70
N THR C 22 6.19 -10.10 -50.93
CA THR C 22 7.28 -10.76 -51.64
C THR C 22 8.33 -11.18 -50.64
N CYS C 23 9.16 -12.13 -51.04
CA CYS C 23 10.36 -12.45 -50.27
C CYS C 23 11.41 -12.60 -51.33
N ARG C 24 12.61 -12.09 -51.08
CA ARG C 24 13.69 -12.30 -52.03
C ARG C 24 14.90 -12.95 -51.41
N ALA C 25 15.24 -14.14 -51.91
CA ALA C 25 16.41 -14.89 -51.47
C ALA C 25 17.66 -14.34 -52.10
N SER C 26 18.81 -14.78 -51.62
CA SER C 26 20.08 -14.45 -52.25
C SER C 26 20.70 -15.66 -52.94
N GLN C 27 19.96 -16.75 -52.98
CA GLN C 27 20.43 -17.97 -53.64
C GLN C 27 19.22 -18.80 -53.99
N ASP C 28 19.37 -19.81 -54.83
CA ASP C 28 18.25 -20.71 -55.04
C ASP C 28 18.02 -21.54 -53.79
N ILE C 29 16.74 -21.63 -53.43
CA ILE C 29 16.27 -22.43 -52.33
C ILE C 29 15.23 -23.25 -53.09
N ARG C 30 15.25 -24.55 -52.91
CA ARG C 30 14.56 -25.43 -53.85
C ARG C 30 13.11 -25.56 -53.45
N ASN C 31 12.38 -24.44 -53.44
CA ASN C 31 11.02 -24.38 -52.90
C ASN C 31 10.87 -24.56 -51.40
N TYR C 32 11.99 -24.61 -50.68
CA TYR C 32 11.98 -24.79 -49.22
C TYR C 32 11.90 -23.44 -48.52
N LEU C 33 10.72 -22.82 -48.64
CA LEU C 33 10.43 -21.49 -48.14
C LEU C 33 9.10 -21.57 -47.41
N SER C 34 9.06 -20.95 -46.24
CA SER C 34 7.85 -20.92 -45.45
C SER C 34 7.50 -19.48 -45.04
N TRP C 35 6.27 -19.30 -44.56
CA TRP C 35 5.77 -18.00 -44.09
C TRP C 35 5.08 -18.18 -42.79
N TYR C 36 5.26 -17.20 -41.92
CA TYR C 36 4.66 -17.25 -40.61
C TYR C 36 3.95 -15.94 -40.36
N GLN C 37 2.99 -16.02 -39.47
CA GLN C 37 2.24 -14.86 -39.10
C GLN C 37 2.53 -14.67 -37.64
N GLN C 38 2.93 -13.46 -37.28
CA GLN C 38 3.11 -13.08 -35.89
C GLN C 38 2.09 -12.05 -35.51
N ARG C 39 1.20 -12.46 -34.61
CA ARG C 39 0.15 -11.60 -34.10
C ARG C 39 0.75 -10.49 -33.24
N PRO C 40 0.07 -9.34 -33.14
CA PRO C 40 0.61 -8.29 -32.27
C PRO C 40 0.77 -8.75 -30.83
N ASP C 41 -0.08 -9.68 -30.37
CA ASP C 41 0.13 -10.26 -29.03
C ASP C 41 1.39 -11.15 -28.94
N GLY C 42 2.01 -11.39 -30.08
CA GLY C 42 3.29 -12.07 -30.13
C GLY C 42 3.19 -13.52 -30.57
N THR C 43 1.98 -14.09 -30.63
CA THR C 43 1.81 -15.47 -31.12
C THR C 43 2.29 -15.60 -32.57
N VAL C 44 2.85 -16.76 -32.86
CA VAL C 44 3.40 -17.08 -34.17
C VAL C 44 2.78 -18.37 -34.68
N LYS C 45 2.32 -18.36 -35.93
CA LYS C 45 1.71 -19.56 -36.53
C LYS C 45 2.32 -19.76 -37.87
N LEU C 46 2.62 -21.01 -38.18
CA LEU C 46 3.04 -21.34 -39.53
C LEU C 46 1.79 -21.30 -40.40
N LEU C 47 1.97 -20.77 -41.61
CA LEU C 47 0.91 -20.71 -42.60
C LEU C 47 1.18 -21.64 -43.78
N ILE C 48 2.32 -21.43 -44.41
CA ILE C 48 2.62 -22.08 -45.67
C ILE C 48 4.02 -22.58 -45.61
N TYR C 49 4.21 -23.84 -46.01
CA TYR C 49 5.53 -24.41 -46.10
C TYR C 49 5.76 -24.93 -47.48
N TYR C 50 7.02 -25.19 -47.80
CA TYR C 50 7.38 -25.62 -49.13
C TYR C 50 6.62 -24.76 -50.15
N THR C 51 6.83 -23.46 -50.04
CA THR C 51 6.31 -22.45 -50.99
C THR C 51 4.82 -22.21 -51.02
N SER C 52 4.05 -23.28 -51.14
CA SER C 52 2.60 -23.17 -51.24
C SER C 52 1.83 -24.12 -50.33
N LYS C 53 2.47 -25.15 -49.83
CA LYS C 53 1.75 -26.10 -49.01
C LYS C 53 1.16 -25.41 -47.79
N LEU C 54 -0.17 -25.33 -47.75
CA LEU C 54 -0.88 -24.70 -46.65
C LEU C 54 -0.98 -25.66 -45.47
N HIS C 55 -0.60 -25.15 -44.31
CA HIS C 55 -0.65 -25.88 -43.04
C HIS C 55 -2.10 -25.99 -42.61
N SER C 56 -2.49 -27.15 -42.10
CA SER C 56 -3.87 -27.36 -41.70
C SER C 56 -4.20 -26.46 -40.49
N GLY C 57 -5.48 -26.08 -40.41
CA GLY C 57 -5.99 -25.12 -39.42
C GLY C 57 -6.09 -23.69 -39.96
N VAL C 58 -5.53 -23.50 -41.15
CA VAL C 58 -5.24 -22.17 -41.72
C VAL C 58 -6.21 -21.88 -42.85
N PRO C 59 -6.85 -20.69 -42.84
CA PRO C 59 -7.82 -20.32 -43.89
C PRO C 59 -7.27 -20.39 -45.33
N SER C 60 -8.15 -20.73 -46.26
CA SER C 60 -7.79 -20.87 -47.67
C SER C 60 -7.48 -19.53 -48.34
N ARG C 61 -7.94 -18.44 -47.73
CA ARG C 61 -7.54 -17.11 -48.13
C ARG C 61 -6.03 -16.98 -48.36
N PHE C 62 -5.24 -17.64 -47.51
CA PHE C 62 -3.80 -17.61 -47.60
C PHE C 62 -3.36 -18.61 -48.65
N SER C 63 -2.63 -18.12 -49.64
CA SER C 63 -1.96 -18.98 -50.58
C SER C 63 -0.58 -18.41 -50.86
N GLY C 64 0.34 -19.30 -51.26
CA GLY C 64 1.71 -18.92 -51.52
C GLY C 64 2.20 -19.42 -52.87
N SER C 65 3.12 -18.70 -53.46
CA SER C 65 3.74 -19.12 -54.69
C SER C 65 5.17 -18.65 -54.75
N GLY C 66 5.91 -19.16 -55.71
CA GLY C 66 7.30 -18.74 -55.95
C GLY C 66 8.15 -19.92 -56.39
N SER C 67 9.39 -19.63 -56.71
CA SER C 67 10.43 -20.66 -56.92
C SER C 67 11.78 -19.98 -57.00
N GLY C 68 12.83 -20.79 -57.22
CA GLY C 68 14.20 -20.27 -57.34
C GLY C 68 14.55 -19.40 -56.16
N THR C 69 14.70 -18.09 -56.40
CA THR C 69 15.03 -17.11 -55.35
C THR C 69 13.90 -16.13 -55.04
N ASP C 70 12.73 -16.32 -55.65
CA ASP C 70 11.62 -15.38 -55.45
C ASP C 70 10.30 -16.06 -55.14
N TYR C 71 9.62 -15.50 -54.13
CA TYR C 71 8.46 -16.13 -53.51
C TYR C 71 7.52 -15.05 -53.05
N SER C 72 6.23 -15.38 -53.02
CA SER C 72 5.23 -14.42 -52.56
C SER C 72 4.14 -15.06 -51.76
N LEU C 73 3.62 -14.30 -50.81
CA LEU C 73 2.50 -14.74 -49.98
C LEU C 73 1.31 -13.90 -50.36
N THR C 74 0.18 -14.55 -50.51
CA THR C 74 -1.01 -13.85 -50.91
C THR C 74 -2.15 -14.13 -49.96
N ILE C 75 -2.84 -13.05 -49.58
CA ILE C 75 -4.03 -13.11 -48.76
C ILE C 75 -5.19 -12.54 -49.57
N THR C 76 -6.14 -13.41 -49.88
CA THR C 76 -7.13 -13.12 -50.92
C THR C 76 -8.32 -12.21 -50.54
N ASN C 77 -9.22 -12.70 -49.66
CA ASN C 77 -10.30 -11.87 -49.09
C ASN C 77 -9.94 -11.47 -47.65
N LEU C 78 -9.01 -10.51 -47.49
CA LEU C 78 -8.42 -10.13 -46.17
C LEU C 78 -9.41 -9.75 -45.05
N GLU C 79 -9.41 -10.50 -43.95
CA GLU C 79 -10.30 -10.21 -42.79
C GLU C 79 -9.59 -9.43 -41.67
N GLN C 80 -10.13 -9.44 -40.46
CA GLN C 80 -9.59 -8.65 -39.37
C GLN C 80 -8.42 -9.31 -38.63
N GLU C 81 -8.51 -10.63 -38.52
CA GLU C 81 -7.53 -11.41 -37.77
C GLU C 81 -6.18 -11.57 -38.50
N ASP C 82 -6.09 -11.05 -39.72
CA ASP C 82 -4.84 -11.11 -40.49
C ASP C 82 -3.99 -9.87 -40.33
N ILE C 83 -4.48 -8.88 -39.58
CA ILE C 83 -3.71 -7.66 -39.37
C ILE C 83 -2.55 -8.02 -38.45
N ALA C 84 -1.35 -8.09 -39.02
CA ALA C 84 -0.25 -8.82 -38.36
C ALA C 84 1.05 -8.64 -39.10
N THR C 85 2.08 -9.35 -38.65
CA THR C 85 3.40 -9.29 -39.29
C THR C 85 3.73 -10.65 -39.89
N TYR C 86 4.43 -10.61 -41.01
CA TYR C 86 4.64 -11.77 -41.87
C TYR C 86 6.11 -11.91 -42.18
N PHE C 87 6.69 -13.05 -41.79
CA PHE C 87 8.09 -13.38 -42.05
C PHE C 87 8.16 -14.57 -42.96
N CYS C 88 9.09 -14.54 -43.89
CA CYS C 88 9.42 -15.74 -44.64
C CYS C 88 10.67 -16.37 -44.02
N GLN C 89 10.82 -17.67 -44.20
CA GLN C 89 12.10 -18.30 -43.88
C GLN C 89 12.39 -19.46 -44.78
N GLN C 90 13.63 -19.51 -45.21
CA GLN C 90 14.14 -20.57 -46.04
C GLN C 90 14.73 -21.60 -45.14
N GLY C 91 14.47 -22.85 -45.48
CA GLY C 91 15.03 -23.95 -44.75
C GLY C 91 15.73 -24.92 -45.66
N LYS C 92 16.66 -24.41 -46.46
CA LYS C 92 17.24 -25.20 -47.53
C LYS C 92 18.14 -26.25 -46.94
N THR C 93 19.10 -25.81 -46.16
CA THR C 93 19.91 -26.79 -45.44
C THR C 93 19.89 -26.41 -43.98
N LEU C 94 19.96 -27.44 -43.14
CA LEU C 94 19.98 -27.27 -41.71
C LEU C 94 21.41 -27.52 -41.27
N PRO C 95 22.00 -26.61 -40.45
CA PRO C 95 21.38 -25.49 -39.71
C PRO C 95 21.36 -24.10 -40.37
N LEU C 96 21.42 -24.01 -41.71
CA LEU C 96 21.57 -22.73 -42.41
C LEU C 96 20.29 -21.86 -42.53
N TYR C 97 19.27 -22.10 -41.71
CA TYR C 97 17.98 -21.41 -41.87
C TYR C 97 18.12 -19.94 -41.69
N THR C 98 17.35 -19.17 -42.47
CA THR C 98 17.30 -17.71 -42.35
C THR C 98 15.88 -17.21 -42.47
N PHE C 99 15.65 -16.00 -41.98
CA PHE C 99 14.34 -15.35 -41.95
C PHE C 99 14.38 -13.96 -42.61
N GLY C 100 13.30 -13.60 -43.29
CA GLY C 100 13.12 -12.22 -43.73
C GLY C 100 12.90 -11.29 -42.54
N GLY C 101 13.04 -10.00 -42.77
CA GLY C 101 12.91 -9.02 -41.71
C GLY C 101 11.49 -8.80 -41.22
N GLY C 102 10.49 -9.24 -41.97
CA GLY C 102 9.09 -9.03 -41.56
C GLY C 102 8.42 -8.00 -42.47
N THR C 103 7.14 -8.23 -42.76
CA THR C 103 6.30 -7.26 -43.40
C THR C 103 5.10 -7.09 -42.49
N LYS C 104 4.91 -5.86 -42.05
CA LYS C 104 3.78 -5.47 -41.21
C LYS C 104 2.54 -5.16 -42.10
N LEU C 105 1.40 -5.69 -41.69
CA LEU C 105 0.15 -5.55 -42.45
C LEU C 105 -0.85 -4.68 -41.72
N GLU C 106 -1.03 -3.47 -42.24
CA GLU C 106 -1.83 -2.43 -41.60
C GLU C 106 -3.11 -2.19 -42.44
N ILE C 107 -4.24 -2.08 -41.76
CA ILE C 107 -5.47 -1.60 -42.40
C ILE C 107 -5.35 -0.15 -42.93
N LYS C 108 -5.75 0.03 -44.17
CA LYS C 108 -5.88 1.33 -44.81
C LYS C 108 -7.20 1.91 -44.33
N ARG C 109 -7.22 3.23 -44.15
CA ARG C 109 -8.40 3.92 -43.64
C ARG C 109 -8.31 5.44 -43.76
N ALA C 110 -9.39 6.08 -43.36
CA ALA C 110 -9.47 7.52 -43.38
C ALA C 110 -8.45 8.13 -42.44
N ASP C 111 -7.97 9.31 -42.80
CA ASP C 111 -6.91 9.98 -42.08
C ASP C 111 -7.49 10.80 -40.94
N ALA C 112 -7.13 10.42 -39.72
CA ALA C 112 -7.66 11.07 -38.52
C ALA C 112 -6.57 11.83 -37.81
N ALA C 113 -6.84 13.08 -37.44
CA ALA C 113 -5.95 13.88 -36.60
C ALA C 113 -6.00 13.33 -35.19
N PRO C 114 -4.90 13.45 -34.46
CA PRO C 114 -4.88 12.91 -33.14
C PRO C 114 -5.57 13.82 -32.16
N THR C 115 -6.23 13.23 -31.19
CA THR C 115 -6.59 13.93 -29.93
C THR C 115 -5.41 13.94 -28.96
N VAL C 116 -5.18 15.08 -28.34
CA VAL C 116 -3.96 15.35 -27.60
C VAL C 116 -4.24 15.79 -26.19
N SER C 117 -3.46 15.27 -25.27
CA SER C 117 -3.57 15.65 -23.87
C SER C 117 -2.18 15.71 -23.26
N ILE C 118 -1.99 16.70 -22.40
CA ILE C 118 -0.69 16.97 -21.78
C ILE C 118 -0.91 16.80 -20.30
N PHE C 119 0.05 16.22 -19.57
CA PHE C 119 -0.13 15.93 -18.12
C PHE C 119 1.03 16.42 -17.28
N PRO C 120 0.74 17.25 -16.28
CA PRO C 120 1.82 17.67 -15.41
C PRO C 120 2.23 16.55 -14.46
N PRO C 121 3.47 16.59 -13.96
CA PRO C 121 3.92 15.60 -12.99
C PRO C 121 2.98 15.49 -11.80
N SER C 122 2.57 14.27 -11.47
CA SER C 122 1.70 14.06 -10.33
C SER C 122 2.47 14.47 -9.07
N SER C 123 1.78 15.06 -8.11
CA SER C 123 2.45 15.49 -6.86
C SER C 123 3.19 14.32 -6.21
N GLU C 124 2.64 13.12 -6.33
CA GLU C 124 3.28 11.92 -5.81
C GLU C 124 4.67 11.71 -6.44
N GLN C 125 4.80 11.99 -7.72
CA GLN C 125 6.08 11.85 -8.41
C GLN C 125 7.03 12.97 -8.01
N LEU C 126 6.47 14.15 -7.72
CA LEU C 126 7.27 15.28 -7.29
C LEU C 126 8.00 15.04 -5.98
N THR C 127 7.47 14.16 -5.14
CA THR C 127 8.17 13.80 -3.90
C THR C 127 9.35 12.85 -4.17
N SER C 128 9.35 12.14 -5.28
CA SER C 128 10.47 11.27 -5.66
C SER C 128 11.77 12.04 -5.87
N GLY C 129 11.65 13.28 -6.35
CA GLY C 129 12.77 14.01 -6.96
C GLY C 129 12.73 13.87 -8.47
N GLY C 130 11.68 13.20 -8.96
CA GLY C 130 11.50 12.99 -10.39
C GLY C 130 10.38 13.87 -10.90
N ALA C 131 10.39 14.11 -12.21
CA ALA C 131 9.37 14.92 -12.83
C ALA C 131 9.26 14.58 -14.31
N SER C 132 8.26 13.78 -14.64
CA SER C 132 7.95 13.42 -16.01
C SER C 132 6.72 14.20 -16.45
N VAL C 133 6.82 14.79 -17.64
CA VAL C 133 5.69 15.44 -18.30
C VAL C 133 5.32 14.45 -19.38
N VAL C 134 4.03 14.16 -19.49
CA VAL C 134 3.56 13.22 -20.48
C VAL C 134 2.55 13.85 -21.43
N CYS C 135 2.60 13.41 -22.68
CA CYS C 135 1.67 13.84 -23.70
C CYS C 135 1.13 12.61 -24.39
N PHE C 136 -0.20 12.48 -24.48
CA PHE C 136 -0.81 11.43 -25.31
C PHE C 136 -1.34 12.03 -26.58
N LEU C 137 -1.11 11.33 -27.67
CA LEU C 137 -1.67 11.65 -28.96
C LEU C 137 -2.43 10.42 -29.36
N ASN C 138 -3.75 10.46 -29.25
CA ASN C 138 -4.63 9.36 -29.72
C ASN C 138 -5.57 10.07 -30.66
N ASN C 139 -6.30 9.43 -31.57
CA ASN C 139 -6.02 8.17 -32.19
C ASN C 139 -5.96 8.62 -33.64
N PHE C 140 -4.94 8.24 -34.40
CA PHE C 140 -4.65 8.92 -35.66
C PHE C 140 -4.22 7.96 -36.74
N TYR C 141 -4.42 8.43 -37.96
CA TYR C 141 -3.94 7.76 -39.14
C TYR C 141 -3.52 8.86 -40.09
N PRO C 142 -2.43 8.64 -40.82
CA PRO C 142 -1.57 7.48 -40.77
C PRO C 142 -0.53 7.61 -39.68
N LYS C 143 0.21 6.53 -39.51
CA LYS C 143 1.21 6.41 -38.46
C LYS C 143 2.19 7.58 -38.40
N ASP C 144 2.69 8.01 -39.53
CA ASP C 144 3.57 9.19 -39.59
C ASP C 144 3.06 10.35 -38.74
N ILE C 145 3.86 10.81 -37.78
CA ILE C 145 3.51 11.95 -36.91
C ILE C 145 4.74 12.52 -36.19
N ASN C 146 4.94 13.82 -36.22
CA ASN C 146 6.03 14.41 -35.46
C ASN C 146 5.62 15.29 -34.31
N VAL C 147 6.12 14.94 -33.14
CA VAL C 147 5.80 15.64 -31.90
C VAL C 147 7.06 16.25 -31.33
N LYS C 148 7.00 17.51 -30.93
CA LYS C 148 8.14 18.14 -30.30
C LYS C 148 7.73 18.96 -29.08
N TRP C 149 8.49 18.77 -28.01
CA TRP C 149 8.26 19.44 -26.73
C TRP C 149 8.94 20.81 -26.70
N LYS C 150 8.36 21.73 -25.93
CA LYS C 150 8.95 23.06 -25.70
C LYS C 150 8.73 23.47 -24.25
N ILE C 151 9.82 23.74 -23.54
CA ILE C 151 9.73 24.32 -22.19
C ILE C 151 9.97 25.80 -22.32
N ASP C 152 9.09 26.61 -21.74
CA ASP C 152 9.22 28.08 -21.85
C ASP C 152 9.44 28.51 -23.30
N GLY C 153 8.69 27.87 -24.22
CA GLY C 153 8.77 28.18 -25.65
C GLY C 153 10.09 27.90 -26.35
N SER C 154 10.96 27.11 -25.71
CA SER C 154 12.23 26.69 -26.31
C SER C 154 12.26 25.16 -26.41
N GLU C 155 12.71 24.69 -27.57
CA GLU C 155 12.47 23.33 -28.03
C GLU C 155 13.49 22.34 -27.44
N ARG C 156 12.98 21.25 -26.87
CA ARG C 156 13.81 20.26 -26.17
C ARG C 156 13.63 18.86 -26.74
N GLN C 157 14.76 18.24 -27.06
CA GLN C 157 14.84 16.82 -27.34
C GLN C 157 15.67 16.06 -26.31
N ASN C 158 15.78 16.62 -25.11
CA ASN C 158 16.61 15.98 -24.09
C ASN C 158 15.75 15.22 -23.11
N GLY C 159 15.95 13.92 -23.04
CA GLY C 159 15.02 13.06 -22.33
C GLY C 159 13.57 12.92 -22.78
N VAL C 160 13.35 12.78 -24.07
CA VAL C 160 12.04 12.47 -24.61
C VAL C 160 11.97 11.03 -25.04
N LEU C 161 10.97 10.33 -24.58
CA LEU C 161 10.70 9.01 -25.10
C LEU C 161 9.40 9.01 -25.87
N ASN C 162 9.43 8.48 -27.08
CA ASN C 162 8.24 8.36 -27.91
C ASN C 162 7.87 6.93 -28.06
N SER C 163 6.63 6.59 -27.84
CA SER C 163 6.22 5.21 -27.93
C SER C 163 4.92 5.07 -28.65
N TRP C 164 4.93 4.19 -29.65
CA TRP C 164 3.76 3.96 -30.49
C TRP C 164 3.07 2.67 -30.07
N THR C 165 1.74 2.71 -29.97
CA THR C 165 0.94 1.50 -29.89
C THR C 165 0.85 0.84 -31.26
N ASP C 166 0.40 -0.42 -31.23
CA ASP C 166 0.02 -1.17 -32.43
C ASP C 166 -1.19 -0.49 -33.09
N GLN C 167 -1.27 -0.61 -34.40
CA GLN C 167 -2.44 -0.09 -35.15
C GLN C 167 -3.80 -0.47 -34.51
N ASP C 168 -3.95 -1.75 -34.19
CA ASP C 168 -5.24 -2.27 -33.81
C ASP C 168 -5.67 -1.81 -32.40
N SER C 169 -6.12 -0.55 -32.36
CA SER C 169 -7.29 -0.18 -31.62
C SER C 169 -8.38 -0.66 -32.61
N LYS C 170 -9.65 -0.64 -32.22
CA LYS C 170 -10.70 -1.00 -33.19
C LYS C 170 -10.74 -0.08 -34.41
N ASP C 171 -10.33 1.19 -34.22
CA ASP C 171 -10.58 2.31 -35.17
C ASP C 171 -10.02 2.36 -36.61
N SER C 172 -9.10 1.51 -37.06
CA SER C 172 -7.98 1.01 -36.30
C SER C 172 -6.92 2.11 -36.52
N THR C 173 -6.81 2.94 -35.50
CA THR C 173 -5.92 4.07 -35.51
C THR C 173 -4.74 3.79 -34.63
N TYR C 174 -3.76 4.67 -34.73
CA TYR C 174 -2.58 4.61 -33.90
C TYR C 174 -2.72 5.61 -32.78
N SER C 175 -1.95 5.37 -31.72
CA SER C 175 -1.76 6.33 -30.64
C SER C 175 -0.29 6.29 -30.24
N MET C 176 0.20 7.39 -29.71
CA MET C 176 1.55 7.41 -29.16
C MET C 176 1.63 8.24 -27.91
N SER C 177 2.54 7.83 -27.02
CA SER C 177 2.81 8.53 -25.79
C SER C 177 4.16 9.17 -25.95
N SER C 178 4.31 10.40 -25.49
CA SER C 178 5.62 11.06 -25.50
C SER C 178 5.92 11.56 -24.13
N THR C 179 7.07 11.17 -23.62
CA THR C 179 7.40 11.49 -22.27
C THR C 179 8.66 12.29 -22.26
N LEU C 180 8.63 13.40 -21.53
CA LEU C 180 9.80 14.22 -21.23
C LEU C 180 10.15 14.05 -19.76
N THR C 181 11.34 13.55 -19.45
CA THR C 181 11.70 13.32 -18.03
C THR C 181 12.80 14.24 -17.58
N LEU C 182 12.59 14.82 -16.41
CA LEU C 182 13.47 15.81 -15.80
C LEU C 182 13.59 15.51 -14.33
N THR C 183 14.57 16.12 -13.69
CA THR C 183 14.62 16.14 -12.23
C THR C 183 13.58 17.13 -11.75
N LYS C 184 13.08 16.92 -10.54
CA LYS C 184 12.08 17.80 -9.94
C LYS C 184 12.63 19.24 -9.84
N ASP C 185 13.96 19.34 -9.77
CA ASP C 185 14.66 20.61 -9.71
C ASP C 185 14.42 21.43 -10.98
N GLU C 186 14.90 20.91 -12.11
CA GLU C 186 14.66 21.50 -13.41
C GLU C 186 13.18 21.88 -13.57
N TYR C 187 12.30 20.95 -13.20
CA TYR C 187 10.87 21.15 -13.34
C TYR C 187 10.39 22.45 -12.70
N GLU C 188 10.83 22.69 -11.47
CA GLU C 188 10.38 23.85 -10.73
C GLU C 188 10.90 25.14 -11.35
N ARG C 189 12.13 25.11 -11.90
CA ARG C 189 12.74 26.31 -12.47
C ARG C 189 11.89 26.95 -13.59
N HIS C 190 11.32 26.13 -14.47
CA HIS C 190 10.56 26.62 -15.63
C HIS C 190 9.11 26.79 -15.27
N ASN C 191 8.30 27.27 -16.22
CA ASN C 191 6.92 27.64 -15.94
C ASN C 191 5.89 27.14 -16.96
N SER C 192 6.22 27.30 -18.24
CA SER C 192 5.33 26.85 -19.32
C SER C 192 5.88 25.61 -20.02
N TYR C 193 5.05 24.57 -20.11
CA TYR C 193 5.45 23.32 -20.75
C TYR C 193 4.50 23.08 -21.89
N THR C 194 5.05 22.73 -23.05
CA THR C 194 4.24 22.58 -24.25
C THR C 194 4.55 21.31 -25.00
N CYS C 195 3.51 20.77 -25.62
CA CYS C 195 3.62 19.55 -26.41
C CYS C 195 2.96 19.82 -27.76
N GLU C 196 3.76 19.78 -28.83
CA GLU C 196 3.30 20.22 -30.17
C GLU C 196 3.28 19.07 -31.17
N ALA C 197 2.08 18.69 -31.60
CA ALA C 197 1.92 17.61 -32.56
C ALA C 197 1.80 18.14 -33.99
N THR C 198 2.54 17.49 -34.90
CA THR C 198 2.51 17.83 -36.32
C THR C 198 2.13 16.56 -37.11
N HIS C 199 1.10 16.64 -37.92
CA HIS C 199 0.57 15.47 -38.59
C HIS C 199 0.21 15.75 -40.03
N LYS C 200 0.23 14.68 -40.82
CA LYS C 200 -0.19 14.69 -42.22
C LYS C 200 -1.49 15.44 -42.42
N THR C 201 -2.47 15.19 -41.58
CA THR C 201 -3.61 16.07 -41.56
C THR C 201 -3.06 17.30 -40.84
N SER C 202 -2.96 18.38 -41.61
CA SER C 202 -1.87 19.32 -41.42
C SER C 202 -2.17 20.73 -40.93
N THR C 203 -3.43 21.14 -41.01
CA THR C 203 -3.81 22.57 -41.05
C THR C 203 -2.99 23.43 -40.06
N SER C 204 -2.77 22.92 -38.85
CA SER C 204 -1.89 23.57 -37.85
C SER C 204 -1.04 22.55 -37.04
N PRO C 205 0.10 22.99 -36.47
CA PRO C 205 0.71 22.09 -35.51
C PRO C 205 -0.17 22.07 -34.28
N ILE C 206 -0.72 20.91 -33.98
CA ILE C 206 -1.66 20.79 -32.89
C ILE C 206 -0.88 20.84 -31.60
N VAL C 207 -1.25 21.77 -30.73
CA VAL C 207 -0.52 21.95 -29.49
C VAL C 207 -1.43 21.92 -28.27
N LYS C 208 -0.86 21.45 -27.15
CA LYS C 208 -1.54 21.37 -25.85
C LYS C 208 -0.52 21.74 -24.80
N SER C 209 -0.84 22.74 -23.99
CA SER C 209 0.14 23.34 -23.12
C SER C 209 -0.38 23.54 -21.69
N PHE C 210 0.53 23.95 -20.80
CA PHE C 210 0.14 24.36 -19.44
C PHE C 210 1.23 25.19 -18.75
N ASN C 211 0.87 25.76 -17.61
CA ASN C 211 1.80 26.53 -16.76
C ASN C 211 1.92 25.91 -15.36
N ARG C 212 3.10 26.04 -14.77
CA ARG C 212 3.36 25.55 -13.41
C ARG C 212 2.67 26.45 -12.38
N ASN C 213 2.64 27.75 -12.66
CA ASN C 213 1.93 28.69 -11.80
C ASN C 213 0.45 28.71 -12.14
N GLU C 214 -0.15 27.52 -12.19
CA GLU C 214 -1.52 27.25 -12.73
C GLU C 214 -2.23 28.48 -13.32
N VAL D 2 -1.72 -29.88 -29.12
CA VAL D 2 -0.26 -29.66 -29.30
C VAL D 2 0.19 -28.42 -28.55
N LYS D 3 1.25 -28.56 -27.76
CA LYS D 3 1.73 -27.48 -26.94
C LYS D 3 3.22 -27.44 -26.81
N LEU D 4 3.70 -26.23 -26.57
CA LEU D 4 5.10 -25.96 -26.31
C LEU D 4 5.11 -24.79 -25.34
N VAL D 5 5.57 -25.04 -24.12
CA VAL D 5 5.67 -23.98 -23.14
C VAL D 5 7.13 -23.88 -22.72
N GLU D 6 7.74 -22.73 -23.03
CA GLU D 6 9.11 -22.42 -22.63
C GLU D 6 9.10 -21.87 -21.20
N SER D 7 10.26 -21.95 -20.55
CA SER D 7 10.48 -21.30 -19.26
C SER D 7 11.97 -21.31 -18.98
N GLY D 8 12.38 -20.51 -18.01
CA GLY D 8 13.79 -20.39 -17.68
C GLY D 8 14.33 -19.02 -18.01
N GLY D 9 13.60 -18.28 -18.82
CA GLY D 9 13.97 -16.92 -19.14
C GLY D 9 14.10 -16.07 -17.88
N GLY D 10 14.65 -14.87 -18.03
CA GLY D 10 14.74 -13.93 -16.94
C GLY D 10 15.98 -13.09 -17.01
N LEU D 11 16.12 -12.21 -16.05
CA LEU D 11 17.25 -11.31 -16.00
C LEU D 11 18.48 -12.10 -15.67
N VAL D 12 19.59 -11.72 -16.30
CA VAL D 12 20.89 -12.28 -15.99
C VAL D 12 21.97 -11.25 -16.31
N LYS D 13 22.99 -11.21 -15.47
CA LYS D 13 24.10 -10.28 -15.67
C LYS D 13 24.99 -10.72 -16.83
N LEU D 14 25.71 -9.75 -17.37
CA LEU D 14 26.69 -10.02 -18.41
C LEU D 14 27.65 -11.13 -17.97
N GLY D 15 28.01 -12.01 -18.90
CA GLY D 15 28.81 -13.19 -18.59
C GLY D 15 27.99 -14.32 -18.03
N GLY D 16 26.74 -14.02 -17.68
CA GLY D 16 25.88 -14.95 -16.98
C GLY D 16 25.50 -16.16 -17.81
N SER D 17 24.92 -17.14 -17.13
CA SER D 17 24.46 -18.36 -17.76
C SER D 17 22.99 -18.57 -17.50
N LEU D 18 22.40 -19.50 -18.22
CA LEU D 18 20.97 -19.68 -18.17
C LEU D 18 20.61 -20.97 -18.91
N LYS D 19 19.73 -21.77 -18.34
CA LYS D 19 19.23 -22.94 -19.01
C LYS D 19 17.75 -22.72 -19.29
N LEU D 20 17.37 -22.66 -20.56
CA LEU D 20 15.96 -22.60 -20.90
C LEU D 20 15.42 -24.01 -21.05
N SER D 21 14.16 -24.19 -20.69
CA SER D 21 13.45 -25.47 -20.80
C SER D 21 12.23 -25.25 -21.68
N CYS D 22 11.80 -26.31 -22.33
CA CYS D 22 10.56 -26.28 -23.06
C CYS D 22 9.87 -27.59 -22.85
N ALA D 23 8.68 -27.53 -22.26
CA ALA D 23 7.88 -28.71 -22.06
C ALA D 23 6.96 -28.83 -23.26
N ALA D 24 6.86 -30.04 -23.79
CA ALA D 24 6.05 -30.33 -24.95
C ALA D 24 4.89 -31.26 -24.60
N SER D 25 3.75 -31.08 -25.25
CA SER D 25 2.69 -32.08 -25.16
C SER D 25 1.81 -32.08 -26.39
N GLY D 26 0.93 -33.09 -26.44
CA GLY D 26 -0.06 -33.20 -27.50
C GLY D 26 0.40 -34.00 -28.69
N PHE D 27 1.67 -34.42 -28.67
CA PHE D 27 2.23 -35.22 -29.73
C PHE D 27 3.38 -36.08 -29.20
N THR D 28 3.94 -36.91 -30.07
CA THR D 28 5.02 -37.81 -29.71
C THR D 28 6.33 -37.08 -29.86
N PHE D 29 6.71 -36.41 -28.78
CA PHE D 29 7.95 -35.62 -28.72
C PHE D 29 9.16 -36.24 -29.46
N SER D 30 9.45 -37.50 -29.16
CA SER D 30 10.66 -38.14 -29.66
C SER D 30 10.62 -38.41 -31.18
N SER D 31 9.47 -38.16 -31.78
CA SER D 31 9.33 -38.28 -33.23
C SER D 31 9.88 -37.12 -34.01
N TYR D 32 10.03 -35.97 -33.36
CA TYR D 32 10.29 -34.75 -34.10
C TYR D 32 11.65 -34.14 -33.80
N TYR D 33 12.24 -33.53 -34.83
CA TYR D 33 13.35 -32.62 -34.63
C TYR D 33 12.78 -31.40 -33.93
N MET D 34 13.62 -30.70 -33.21
CA MET D 34 13.21 -29.56 -32.43
C MET D 34 14.26 -28.48 -32.58
N SER D 35 13.96 -27.29 -32.11
CA SER D 35 14.84 -26.16 -32.32
C SER D 35 14.45 -24.95 -31.52
N TRP D 36 15.41 -24.03 -31.39
CA TRP D 36 15.19 -22.78 -30.72
C TRP D 36 15.44 -21.66 -31.70
N VAL D 37 14.60 -20.65 -31.60
CA VAL D 37 14.68 -19.49 -32.45
C VAL D 37 14.61 -18.31 -31.54
N ARG D 38 15.38 -17.29 -31.84
CA ARG D 38 15.27 -16.10 -31.05
C ARG D 38 14.86 -14.90 -31.90
N GLN D 39 14.18 -13.97 -31.25
CA GLN D 39 13.83 -12.70 -31.81
C GLN D 39 14.44 -11.54 -31.03
N THR D 40 15.40 -10.88 -31.65
CA THR D 40 16.00 -9.62 -31.19
C THR D 40 14.97 -8.48 -31.03
N PRO D 41 15.26 -7.45 -30.21
CA PRO D 41 14.25 -6.36 -30.05
C PRO D 41 13.95 -5.59 -31.33
N GLU D 42 14.80 -5.76 -32.33
CA GLU D 42 14.89 -4.87 -33.49
C GLU D 42 13.92 -5.03 -34.67
N LYS D 43 13.24 -6.16 -34.97
CA LYS D 43 13.05 -7.37 -34.17
C LYS D 43 13.11 -8.60 -35.10
N ARG D 44 14.35 -8.92 -35.44
CA ARG D 44 14.71 -9.94 -36.39
C ARG D 44 14.57 -11.31 -35.77
N LEU D 45 14.38 -12.32 -36.61
CA LEU D 45 14.26 -13.69 -36.16
C LEU D 45 15.47 -14.46 -36.59
N GLU D 46 16.05 -15.25 -35.70
CA GLU D 46 17.09 -16.17 -36.11
C GLU D 46 17.14 -17.46 -35.33
N LEU D 47 17.48 -18.50 -36.07
CA LEU D 47 17.69 -19.83 -35.53
C LEU D 47 18.92 -19.83 -34.66
N VAL D 48 18.76 -20.43 -33.48
CA VAL D 48 19.86 -20.55 -32.55
C VAL D 48 20.47 -21.95 -32.64
N ALA D 49 19.59 -22.97 -32.66
CA ALA D 49 20.03 -24.35 -32.67
C ALA D 49 18.90 -25.31 -33.01
N ALA D 50 19.30 -26.50 -33.43
CA ALA D 50 18.38 -27.59 -33.67
C ALA D 50 19.00 -28.96 -33.33
N ILE D 51 18.14 -29.95 -33.19
CA ILE D 51 18.52 -31.26 -32.73
C ILE D 51 17.54 -32.26 -33.32
N ASN D 52 18.02 -33.48 -33.54
CA ASN D 52 17.19 -34.50 -34.15
C ASN D 52 16.27 -35.21 -33.17
N SER D 53 15.41 -36.06 -33.73
CA SER D 53 14.48 -36.86 -32.98
C SER D 53 15.09 -37.48 -31.72
N ASN D 54 16.11 -38.29 -31.87
CA ASN D 54 16.64 -39.05 -30.73
C ASN D 54 17.50 -38.18 -29.79
N GLY D 55 18.26 -37.22 -30.35
CA GLY D 55 19.06 -36.31 -29.54
C GLY D 55 20.54 -36.33 -29.76
N GLY D 56 21.00 -37.22 -30.62
CA GLY D 56 22.43 -37.41 -30.85
C GLY D 56 23.03 -36.34 -31.72
N ASN D 57 22.28 -35.87 -32.72
CA ASN D 57 22.78 -34.90 -33.70
C ASN D 57 22.23 -33.54 -33.41
N THR D 58 23.12 -32.57 -33.22
CA THR D 58 22.72 -31.21 -32.96
C THR D 58 23.32 -30.32 -34.01
N TYR D 59 22.67 -29.19 -34.27
CA TYR D 59 23.01 -28.30 -35.36
C TYR D 59 23.09 -26.87 -34.90
N TYR D 60 24.18 -26.22 -35.24
CA TYR D 60 24.40 -24.83 -34.86
C TYR D 60 24.87 -24.01 -36.08
N PRO D 61 24.23 -22.88 -36.32
CA PRO D 61 24.87 -21.95 -37.24
C PRO D 61 26.24 -21.47 -36.79
N ASP D 62 26.94 -20.78 -37.69
CA ASP D 62 28.17 -20.08 -37.36
C ASP D 62 27.86 -18.58 -37.25
N THR D 63 26.65 -18.23 -37.67
CA THR D 63 26.04 -16.95 -37.34
C THR D 63 25.74 -16.96 -35.87
N VAL D 64 25.48 -18.18 -35.35
CA VAL D 64 25.41 -18.42 -33.91
C VAL D 64 26.51 -17.57 -33.27
N LYS D 65 26.09 -16.76 -32.31
CA LYS D 65 26.93 -15.71 -31.74
C LYS D 65 26.80 -15.81 -30.21
N GLY D 66 27.28 -16.94 -29.70
CA GLY D 66 27.21 -17.21 -28.28
C GLY D 66 27.52 -18.67 -27.99
N LEU D 67 27.68 -19.02 -26.71
CA LEU D 67 27.91 -20.41 -26.33
C LEU D 67 26.56 -21.07 -25.98
N PHE D 68 25.91 -21.59 -27.01
CA PHE D 68 24.63 -22.25 -26.86
C PHE D 68 24.76 -23.74 -27.01
N THR D 69 24.06 -24.48 -26.17
CA THR D 69 24.03 -25.94 -26.29
C THR D 69 22.59 -26.43 -26.17
N ILE D 70 22.18 -27.27 -27.12
CA ILE D 70 20.83 -27.78 -27.17
C ILE D 70 20.84 -29.25 -26.81
N SER D 71 19.74 -29.67 -26.22
CA SER D 71 19.61 -31.06 -25.79
C SER D 71 18.17 -31.37 -25.52
N ARG D 72 17.86 -32.64 -25.43
CA ARG D 72 16.52 -33.07 -25.09
C ARG D 72 16.53 -34.29 -24.20
N ASP D 73 15.49 -34.44 -23.41
CA ASP D 73 15.25 -35.65 -22.65
C ASP D 73 13.93 -36.23 -23.14
N ASN D 74 14.01 -37.22 -24.01
CA ASN D 74 12.79 -37.77 -24.60
C ASN D 74 11.85 -38.42 -23.58
N ALA D 75 12.38 -38.98 -22.50
CA ALA D 75 11.54 -39.54 -21.43
C ALA D 75 10.69 -38.45 -20.74
N LYS D 76 11.23 -37.24 -20.72
CA LYS D 76 10.59 -36.13 -20.07
C LYS D 76 9.88 -35.15 -21.00
N ASN D 77 9.82 -35.47 -22.27
CA ASN D 77 9.21 -34.55 -23.22
C ASN D 77 9.68 -33.14 -23.03
N THR D 78 10.99 -33.01 -22.81
CA THR D 78 11.63 -31.72 -22.54
C THR D 78 12.78 -31.45 -23.50
N LEU D 79 12.92 -30.17 -23.82
CA LEU D 79 13.96 -29.66 -24.69
C LEU D 79 14.66 -28.56 -23.92
N TYR D 80 15.97 -28.53 -24.04
CA TYR D 80 16.80 -27.65 -23.26
C TYR D 80 17.71 -26.86 -24.15
N LEU D 81 18.07 -25.70 -23.65
CA LEU D 81 19.07 -24.87 -24.23
C LEU D 81 19.96 -24.26 -23.14
N GLN D 82 21.21 -24.67 -23.09
CA GLN D 82 22.20 -24.07 -22.21
C GLN D 82 22.76 -22.86 -22.87
N MET D 83 22.62 -21.72 -22.22
CA MET D 83 23.23 -20.49 -22.66
C MET D 83 24.31 -20.15 -21.66
N SER D 84 25.44 -19.67 -22.13
CA SER D 84 26.47 -19.25 -21.22
C SER D 84 27.26 -18.10 -21.77
N ARG D 85 27.96 -17.42 -20.89
CA ARG D 85 28.91 -16.40 -21.28
C ARG D 85 28.20 -15.37 -22.14
N LEU D 86 27.08 -14.86 -21.63
CA LEU D 86 26.15 -14.06 -22.40
C LEU D 86 26.42 -12.56 -22.45
N LYS D 87 26.06 -11.96 -23.59
CA LYS D 87 26.23 -10.51 -23.85
C LYS D 87 24.90 -9.81 -23.96
N SER D 88 24.94 -8.48 -23.99
CA SER D 88 23.73 -7.68 -24.20
C SER D 88 22.87 -8.13 -25.37
N GLU D 89 23.55 -8.26 -26.51
CA GLU D 89 22.89 -8.60 -27.75
C GLU D 89 22.31 -10.00 -27.77
N ASP D 90 22.43 -10.75 -26.68
CA ASP D 90 21.64 -11.99 -26.52
C ASP D 90 20.27 -11.75 -25.85
N THR D 91 20.04 -10.53 -25.38
CA THR D 91 18.69 -10.10 -24.94
C THR D 91 17.70 -10.36 -26.04
N ALA D 92 16.72 -11.21 -25.81
CA ALA D 92 15.79 -11.57 -26.88
C ALA D 92 14.68 -12.42 -26.34
N LEU D 93 13.71 -12.68 -27.19
CA LEU D 93 12.65 -13.60 -26.84
C LEU D 93 13.01 -14.91 -27.51
N TYR D 94 12.95 -16.00 -26.74
CA TYR D 94 13.40 -17.32 -27.21
C TYR D 94 12.25 -18.27 -27.34
N TYR D 95 12.12 -18.80 -28.54
CA TYR D 95 11.05 -19.71 -28.86
C TYR D 95 11.52 -21.14 -28.99
N CYS D 96 10.64 -21.99 -28.53
CA CYS D 96 10.74 -23.41 -28.74
C CYS D 96 9.87 -23.66 -29.96
N THR D 97 10.38 -24.45 -30.90
CA THR D 97 9.64 -24.72 -32.12
C THR D 97 9.83 -26.14 -32.56
N ARG D 98 8.76 -26.77 -32.99
CA ARG D 98 8.86 -28.09 -33.59
C ARG D 98 9.13 -27.99 -35.09
N LEU D 99 10.03 -28.83 -35.56
CA LEU D 99 10.52 -28.81 -36.93
C LEU D 99 9.85 -29.87 -37.74
N TYR D 100 9.36 -29.49 -38.91
CA TYR D 100 8.61 -30.39 -39.77
C TYR D 100 9.33 -30.59 -41.08
N GLY D 101 9.56 -31.85 -41.41
CA GLY D 101 10.37 -32.16 -42.57
C GLY D 101 9.66 -32.59 -43.81
N ASN D 102 8.35 -32.73 -43.73
CA ASN D 102 7.65 -33.23 -44.89
C ASN D 102 7.82 -32.17 -45.96
N TYR D 103 8.28 -32.52 -47.15
CA TYR D 103 8.97 -33.79 -47.39
C TYR D 103 10.19 -33.54 -48.28
N VAL D 104 11.27 -34.27 -48.03
CA VAL D 104 11.51 -34.99 -46.77
C VAL D 104 12.46 -34.18 -45.90
N ARG D 105 13.08 -33.17 -46.50
CA ARG D 105 14.02 -32.33 -45.80
C ARG D 105 13.25 -31.65 -44.71
N ILE D 106 13.78 -31.62 -43.50
CA ILE D 106 13.20 -30.80 -42.47
C ILE D 106 13.53 -29.39 -42.89
N HIS D 107 12.53 -28.52 -42.96
CA HIS D 107 12.75 -27.18 -43.52
C HIS D 107 11.93 -26.08 -42.87
N THR D 108 10.77 -26.43 -42.36
CA THR D 108 9.89 -25.48 -41.80
C THR D 108 9.68 -25.81 -40.34
N MET D 109 9.02 -24.91 -39.64
CA MET D 109 8.81 -25.02 -38.20
C MET D 109 7.33 -24.93 -37.91
N ASP D 110 6.68 -26.09 -37.89
CA ASP D 110 5.23 -26.09 -37.87
C ASP D 110 4.57 -25.58 -36.58
N TYR D 111 5.14 -25.85 -35.41
CA TYR D 111 4.54 -25.35 -34.18
C TYR D 111 5.57 -24.57 -33.36
N TRP D 112 5.10 -23.52 -32.71
CA TRP D 112 5.93 -22.55 -31.98
C TRP D 112 5.46 -22.37 -30.55
N GLY D 113 6.37 -22.37 -29.60
CA GLY D 113 5.98 -21.98 -28.24
C GLY D 113 5.63 -20.51 -28.24
N GLN D 114 5.24 -19.98 -27.07
CA GLN D 114 4.92 -18.55 -26.91
C GLN D 114 6.12 -17.68 -26.60
N GLY D 115 7.18 -18.27 -26.04
CA GLY D 115 8.46 -17.56 -25.92
C GLY D 115 8.83 -17.26 -24.47
N THR D 116 10.13 -17.25 -24.16
CA THR D 116 10.59 -16.72 -22.90
C THR D 116 11.52 -15.56 -23.14
N SER D 117 11.23 -14.46 -22.48
CA SER D 117 12.04 -13.27 -22.55
C SER D 117 13.32 -13.42 -21.72
N VAL D 118 14.45 -13.12 -22.33
CA VAL D 118 15.75 -13.18 -21.66
C VAL D 118 16.44 -11.83 -21.72
N THR D 119 16.66 -11.22 -20.56
CA THR D 119 17.33 -9.92 -20.52
C THR D 119 18.73 -10.15 -20.02
N VAL D 120 19.71 -9.64 -20.76
CA VAL D 120 21.10 -9.73 -20.34
C VAL D 120 21.57 -8.34 -20.02
N SER D 121 21.58 -8.00 -18.74
CA SER D 121 21.83 -6.62 -18.36
C SER D 121 22.43 -6.46 -16.96
N SER D 122 22.93 -5.26 -16.72
CA SER D 122 23.55 -4.92 -15.44
C SER D 122 22.58 -4.24 -14.45
N ALA D 123 21.45 -3.74 -14.95
CA ALA D 123 20.36 -3.31 -14.08
C ALA D 123 19.90 -4.43 -13.16
N LYS D 124 19.41 -4.03 -11.99
CA LYS D 124 18.89 -4.96 -10.99
C LYS D 124 17.38 -4.96 -11.07
N THR D 125 16.78 -6.08 -10.72
CA THR D 125 15.33 -6.13 -10.69
C THR D 125 14.82 -5.05 -9.75
N THR D 126 14.21 -4.06 -10.37
CA THR D 126 13.60 -2.93 -9.72
C THR D 126 12.10 -2.91 -10.08
N PRO D 127 11.22 -2.75 -9.08
CA PRO D 127 9.80 -2.67 -9.32
C PRO D 127 9.39 -1.25 -9.73
N PRO D 128 8.27 -1.12 -10.48
CA PRO D 128 7.82 0.17 -11.02
C PRO D 128 7.21 1.10 -10.01
N SER D 129 7.46 2.38 -10.20
CA SER D 129 6.67 3.43 -9.57
C SER D 129 5.48 3.70 -10.51
N VAL D 130 4.27 3.68 -9.96
CA VAL D 130 3.05 3.87 -10.74
C VAL D 130 2.44 5.22 -10.38
N TYR D 131 2.23 6.06 -11.38
CA TYR D 131 1.73 7.41 -11.16
C TYR D 131 0.50 7.71 -12.00
N PRO D 132 -0.63 7.98 -11.35
CA PRO D 132 -1.86 8.20 -12.11
C PRO D 132 -1.80 9.54 -12.82
N LEU D 133 -2.50 9.62 -13.95
CA LEU D 133 -2.50 10.84 -14.77
C LEU D 133 -3.91 11.35 -14.98
N ALA D 134 -4.26 12.35 -14.18
CA ALA D 134 -5.48 13.12 -14.34
C ALA D 134 -5.18 14.36 -15.16
N PRO D 135 -6.18 14.87 -15.93
CA PRO D 135 -6.03 16.17 -16.57
C PRO D 135 -5.96 17.31 -15.56
N GLY D 142 -16.17 15.64 -23.34
CA GLY D 142 -17.14 16.18 -24.30
C GLY D 142 -16.63 16.21 -25.73
N SER D 143 -16.56 15.04 -26.39
CA SER D 143 -17.27 13.80 -25.97
C SER D 143 -16.74 13.12 -24.71
N SER D 144 -15.51 12.63 -24.80
CA SER D 144 -14.95 11.80 -23.76
C SER D 144 -13.77 12.52 -23.09
N VAL D 145 -13.24 11.86 -22.08
CA VAL D 145 -12.07 12.31 -21.34
C VAL D 145 -11.08 11.17 -21.24
N THR D 146 -9.81 11.52 -21.22
CA THR D 146 -8.74 10.55 -21.32
C THR D 146 -7.96 10.50 -20.02
N LEU D 147 -7.61 9.30 -19.59
CA LEU D 147 -6.93 9.12 -18.34
C LEU D 147 -5.67 8.28 -18.46
N GLY D 148 -4.69 8.57 -17.64
CA GLY D 148 -3.39 7.97 -17.79
C GLY D 148 -2.77 7.33 -16.58
N CYS D 149 -1.84 6.43 -16.85
CA CYS D 149 -1.11 5.82 -15.77
C CYS D 149 0.35 5.72 -16.21
N LEU D 150 1.24 6.46 -15.57
CA LEU D 150 2.67 6.38 -15.86
C LEU D 150 3.33 5.31 -14.99
N VAL D 151 4.13 4.48 -15.64
CA VAL D 151 4.76 3.35 -14.98
C VAL D 151 6.24 3.41 -15.26
N LYS D 152 6.99 4.06 -14.39
CA LYS D 152 8.42 4.19 -14.59
C LYS D 152 9.32 3.60 -13.51
N GLY D 153 10.54 3.34 -13.94
CA GLY D 153 11.62 2.94 -13.08
C GLY D 153 11.65 1.45 -12.79
N TYR D 154 11.33 0.63 -13.80
CA TYR D 154 11.30 -0.80 -13.55
C TYR D 154 12.26 -1.56 -14.38
N PHE D 155 12.56 -2.75 -13.88
CA PHE D 155 13.42 -3.66 -14.57
C PHE D 155 13.20 -5.01 -13.96
N PRO D 156 13.30 -6.06 -14.77
CA PRO D 156 13.32 -6.01 -16.21
C PRO D 156 11.90 -5.84 -16.75
N GLU D 157 11.82 -5.79 -18.06
CA GLU D 157 10.54 -5.80 -18.75
C GLU D 157 9.93 -7.22 -18.55
N SER D 158 8.60 -7.40 -18.59
CA SER D 158 7.61 -6.36 -18.75
C SER D 158 6.63 -6.27 -17.60
N VAL D 159 5.71 -5.33 -17.72
CA VAL D 159 4.57 -5.18 -16.81
C VAL D 159 3.26 -5.33 -17.56
N THR D 160 2.16 -5.41 -16.82
CA THR D 160 0.82 -5.36 -17.38
C THR D 160 -0.05 -4.38 -16.62
N VAL D 161 -0.76 -3.54 -17.36
CA VAL D 161 -1.66 -2.57 -16.78
C VAL D 161 -3.08 -2.99 -17.07
N THR D 162 -3.96 -2.82 -16.09
CA THR D 162 -5.34 -3.19 -16.26
C THR D 162 -6.17 -2.10 -15.64
N TRP D 163 -7.13 -1.62 -16.40
CA TRP D 163 -8.03 -0.58 -15.94
C TRP D 163 -9.39 -1.25 -15.73
N ASN D 164 -10.15 -0.76 -14.77
CA ASN D 164 -11.55 -1.19 -14.59
C ASN D 164 -12.45 0.07 -14.50
N SER D 165 -13.51 0.09 -15.30
CA SER D 165 -14.27 1.32 -15.61
C SER D 165 -15.45 1.63 -14.68
N SER D 170 -14.56 1.00 -22.83
CA SER D 170 -13.40 1.13 -23.71
C SER D 170 -13.14 2.62 -24.05
N SER D 171 -11.97 2.98 -24.59
CA SER D 171 -10.90 2.05 -25.01
C SER D 171 -9.53 2.41 -24.44
N VAL D 172 -8.66 1.40 -24.43
CA VAL D 172 -7.43 1.43 -23.67
C VAL D 172 -6.23 1.20 -24.56
N HIS D 173 -5.25 2.08 -24.44
CA HIS D 173 -3.99 1.90 -25.15
C HIS D 173 -2.87 1.62 -24.16
N THR D 174 -1.99 0.72 -24.56
CA THR D 174 -0.83 0.39 -23.76
C THR D 174 0.38 0.70 -24.61
N PHE D 175 1.25 1.55 -24.11
CA PHE D 175 2.33 2.01 -24.91
C PHE D 175 3.54 1.19 -24.56
N PRO D 176 4.23 0.66 -25.58
CA PRO D 176 5.40 -0.19 -25.30
C PRO D 176 6.51 0.55 -24.56
N ALA D 177 7.25 -0.17 -23.75
CA ALA D 177 8.23 0.45 -22.85
C ALA D 177 9.48 0.89 -23.55
N LEU D 178 10.12 1.92 -23.02
CA LEU D 178 11.39 2.38 -23.52
C LEU D 178 12.40 2.55 -22.39
N LEU D 179 13.64 2.30 -22.74
CA LEU D 179 14.72 2.27 -21.79
C LEU D 179 15.16 3.69 -21.49
N GLN D 180 15.04 4.10 -20.22
CA GLN D 180 15.51 5.42 -19.80
C GLN D 180 16.23 5.41 -18.44
N SER D 181 17.38 6.06 -18.39
CA SER D 181 18.21 6.14 -17.18
C SER D 181 18.58 4.77 -16.61
N GLY D 182 18.74 3.80 -17.51
CA GLY D 182 19.05 2.42 -17.12
C GLY D 182 17.82 1.56 -16.96
N LEU D 183 16.69 2.15 -16.59
CA LEU D 183 15.43 1.40 -16.38
C LEU D 183 14.40 1.60 -17.51
N TYR D 184 13.25 0.94 -17.38
CA TYR D 184 12.19 0.98 -18.40
C TYR D 184 11.04 1.86 -18.01
N THR D 185 10.50 2.57 -18.98
CA THR D 185 9.32 3.37 -18.75
C THR D 185 8.25 3.00 -19.77
N MET D 186 7.02 2.88 -19.31
CA MET D 186 5.88 2.74 -20.22
C MET D 186 4.71 3.52 -19.66
N SER D 187 3.64 3.57 -20.42
CA SER D 187 2.46 4.31 -19.99
C SER D 187 1.25 3.67 -20.61
N SER D 188 0.11 4.02 -20.05
CA SER D 188 -1.14 3.46 -20.49
C SER D 188 -2.21 4.50 -20.35
N SER D 189 -3.14 4.51 -21.29
CA SER D 189 -4.25 5.45 -21.27
C SER D 189 -5.58 4.71 -21.41
N VAL D 190 -6.63 5.38 -20.97
CA VAL D 190 -7.96 4.94 -21.23
C VAL D 190 -8.85 6.15 -21.46
N THR D 191 -9.81 6.01 -22.38
CA THR D 191 -10.78 7.08 -22.63
C THR D 191 -12.14 6.67 -22.10
N VAL D 192 -12.80 7.61 -21.41
CA VAL D 192 -14.12 7.37 -20.82
C VAL D 192 -15.04 8.58 -21.01
N PRO D 193 -16.36 8.40 -20.82
CA PRO D 193 -17.27 9.53 -21.00
C PRO D 193 -17.17 10.56 -19.90
N SER D 194 -17.12 11.83 -20.25
CA SER D 194 -17.09 12.90 -19.26
C SER D 194 -17.98 12.62 -18.03
N SER D 195 -19.06 11.88 -18.25
CA SER D 195 -19.95 11.39 -17.17
C SER D 195 -19.24 10.60 -16.08
N THR D 196 -18.37 9.68 -16.49
CA THR D 196 -17.63 8.86 -15.54
C THR D 196 -16.80 9.76 -14.60
N TRP D 197 -16.44 10.96 -15.04
CA TRP D 197 -15.37 11.74 -14.37
C TRP D 197 -15.78 13.12 -13.87
N PRO D 198 -15.35 13.46 -12.64
CA PRO D 198 -14.63 12.59 -11.69
C PRO D 198 -15.58 11.68 -10.89
N SER D 199 -16.76 11.43 -11.45
CA SER D 199 -17.95 10.92 -10.73
C SER D 199 -17.69 9.55 -10.14
N GLU D 200 -17.02 8.73 -10.92
CA GLU D 200 -16.58 7.42 -10.47
C GLU D 200 -15.13 7.55 -10.08
N THR D 201 -14.66 6.57 -9.30
CA THR D 201 -13.24 6.39 -9.01
C THR D 201 -12.66 5.19 -9.79
N VAL D 202 -11.57 5.46 -10.52
CA VAL D 202 -11.05 4.53 -11.53
C VAL D 202 -9.60 4.19 -11.18
N THR D 203 -9.21 2.97 -11.54
CA THR D 203 -7.95 2.40 -11.10
C THR D 203 -7.15 1.77 -12.24
N CYS D 204 -5.86 2.09 -12.32
CA CYS D 204 -4.96 1.25 -13.09
C CYS D 204 -4.28 0.35 -12.10
N SER D 205 -4.36 -0.94 -12.39
CA SER D 205 -3.67 -1.94 -11.62
C SER D 205 -2.50 -2.38 -12.45
N VAL D 206 -1.32 -2.38 -11.86
CA VAL D 206 -0.12 -2.72 -12.57
C VAL D 206 0.50 -3.92 -11.91
N ALA D 207 0.99 -4.84 -12.75
CA ALA D 207 1.61 -6.06 -12.31
C ALA D 207 2.99 -6.21 -12.94
N HIS D 208 3.96 -6.61 -12.12
CA HIS D 208 5.36 -6.81 -12.52
C HIS D 208 5.78 -8.14 -11.91
N PRO D 209 5.65 -9.21 -12.68
CA PRO D 209 5.92 -10.49 -12.08
C PRO D 209 7.39 -10.69 -11.73
N ALA D 210 8.31 -10.11 -12.49
CA ALA D 210 9.75 -10.28 -12.18
C ALA D 210 10.16 -9.82 -10.77
N SER D 211 9.38 -8.90 -10.18
CA SER D 211 9.55 -8.47 -8.80
C SER D 211 8.35 -8.88 -7.94
N SER D 212 7.48 -9.74 -8.44
CA SER D 212 6.23 -10.12 -7.73
C SER D 212 5.48 -8.94 -7.12
N THR D 213 5.32 -7.85 -7.85
CA THR D 213 4.59 -6.68 -7.29
C THR D 213 3.29 -6.46 -8.02
N THR D 214 2.30 -5.99 -7.26
CA THR D 214 0.98 -5.63 -7.77
C THR D 214 0.59 -4.33 -7.12
N VAL D 215 0.43 -3.29 -7.92
CA VAL D 215 0.12 -1.96 -7.36
C VAL D 215 -1.14 -1.38 -7.99
N ASP D 216 -2.09 -1.05 -7.14
CA ASP D 216 -3.40 -0.59 -7.57
C ASP D 216 -3.50 0.87 -7.22
N LYS D 217 -3.81 1.72 -8.19
CA LYS D 217 -3.75 3.17 -7.97
C LYS D 217 -5.04 3.89 -8.36
N LYS D 218 -5.61 4.58 -7.37
CA LYS D 218 -6.82 5.34 -7.60
C LYS D 218 -6.44 6.60 -8.36
N LEU D 219 -7.25 6.96 -9.37
CA LEU D 219 -7.10 8.25 -10.04
C LEU D 219 -7.81 9.27 -9.16
#